data_9BDI
#
_entry.id   9BDI
#
_cell.length_a   37.617
_cell.length_b   46.638
_cell.length_c   178.352
_cell.angle_alpha   86.673
_cell.angle_beta   86.760
_cell.angle_gamma   77.044
#
_symmetry.space_group_name_H-M   'P 1'
#
loop_
_entity.id
_entity.type
_entity.pdbx_description
1 polymer 'GT10.2 glycan KO'
2 polymer 'Fab 45.2 Heavy Chain'
3 polymer 'Fab 45.2 Light Chain'
4 water water
#
loop_
_entity_poly.entity_id
_entity_poly.type
_entity_poly.pdbx_seq_one_letter_code
_entity_poly.pdbx_strand_id
1 'polypeptide(L)'
;VTQEDIIRALASPLIKDGMVDEDFAEYVIAREDRSPTGLQAKGVGVAIPHTLGDYVRDNAISVGILDKPVNFEGWYQSPD
PVPVRVVFMLAGRTWDDIVIVLKWLKDVILDEEFMKRLLTMSDEEIYRQIYTRISKAPQLSGINFKREYVRHL
;
A,B
2 'polypeptide(L)'
;EVQLVESGGGLVKPGGSLRLSCAASGFTFSNAWMSWVRQAPGKGLEWVGRIKSKTDGGTTDCAAPVKGRFTISRDDSKNT
LYLQMNSLKTEDTAVYYCTRSAEFYDFWSGYYTGLEYFQHWGQGTLVTVSSASTKGPSVFPLAPSSKSTSGGTAALGCLV
KDYFPEPVTVSWNSGALTSGVHTFPAVLQSSGLYSLSSVVTVPSSSLGTQTYICNVNHKPSNTKVDKRVEPKSC
;
C,H
3 'polypeptide(L)'
;DIQMTQSPASLSASVGETVTITCRASGNIHNYLAWYQQKQGKSPQLLVYNAKTLADGVPSRFSGSGSGTQYSLKINSLQP
EDVGSYYCQYFWSIPYTFGGGTKLEIKRTVAAPSVFIFPPSDEQLKSGTASVVCLLNNFYPREAKVQWKVDNALQSGNSQ
ESVTEQDSKDSTYSLSSTLTLSKADYEKHKVYACEVTHQGLSSPVTKSFNRGEC
;
D,L
#
# COMPACT_ATOMS: atom_id res chain seq x y z
N VAL A 1 -31.50 15.08 -3.55
CA VAL A 1 -30.70 13.96 -4.07
C VAL A 1 -31.41 12.64 -3.82
N THR A 2 -31.25 11.71 -4.75
CA THR A 2 -31.89 10.41 -4.69
C THR A 2 -30.87 9.34 -4.30
N GLN A 3 -31.40 8.17 -3.91
CA GLN A 3 -30.52 7.03 -3.60
C GLN A 3 -29.63 6.69 -4.77
N GLU A 4 -30.15 6.84 -5.99
CA GLU A 4 -29.34 6.57 -7.19
C GLU A 4 -28.19 7.56 -7.29
N ASP A 5 -28.44 8.83 -6.99
CA ASP A 5 -27.36 9.81 -7.00
C ASP A 5 -26.30 9.48 -5.95
N ILE A 6 -26.72 8.99 -4.79
CA ILE A 6 -25.77 8.61 -3.75
C ILE A 6 -24.90 7.46 -4.21
N ILE A 7 -25.54 6.40 -4.71
CA ILE A 7 -24.82 5.18 -5.07
C ILE A 7 -23.82 5.47 -6.19
N ARG A 8 -24.24 6.25 -7.19
CA ARG A 8 -23.32 6.61 -8.26
C ARG A 8 -22.16 7.45 -7.74
N ALA A 9 -22.44 8.38 -6.83
CA ALA A 9 -21.37 9.22 -6.29
C ALA A 9 -20.38 8.39 -5.48
N LEU A 10 -20.86 7.45 -4.67
CA LEU A 10 -19.95 6.67 -3.83
C LEU A 10 -19.23 5.59 -4.63
N ALA A 11 -19.82 5.12 -5.73
CA ALA A 11 -19.17 4.12 -6.56
C ALA A 11 -18.05 4.71 -7.41
N SER A 12 -18.15 6.00 -7.75
CA SER A 12 -17.22 6.60 -8.70
C SER A 12 -15.75 6.44 -8.33
N PRO A 13 -15.31 6.67 -7.09
CA PRO A 13 -13.86 6.49 -6.81
C PRO A 13 -13.44 5.04 -6.83
N LEU A 14 -14.32 4.11 -6.44
CA LEU A 14 -14.00 2.69 -6.53
C LEU A 14 -13.87 2.25 -7.98
N ILE A 15 -14.69 2.81 -8.87
CA ILE A 15 -14.59 2.48 -10.28
C ILE A 15 -13.27 3.00 -10.86
N LYS A 16 -12.88 4.23 -10.50
CA LYS A 16 -11.67 4.82 -11.04
C LYS A 16 -10.41 4.06 -10.61
N ASP A 17 -10.43 3.46 -9.42
CA ASP A 17 -9.31 2.65 -8.96
C ASP A 17 -9.36 1.21 -9.44
N GLY A 18 -10.40 0.84 -10.18
CA GLY A 18 -10.52 -0.54 -10.60
C GLY A 18 -10.86 -1.51 -9.48
N MET A 19 -11.32 -1.02 -8.33
CA MET A 19 -11.78 -1.92 -7.28
C MET A 19 -12.96 -2.75 -7.74
N VAL A 20 -13.79 -2.20 -8.62
CA VAL A 20 -15.03 -2.81 -9.07
C VAL A 20 -15.15 -2.63 -10.58
N ASP A 21 -16.07 -3.39 -11.19
CA ASP A 21 -16.33 -3.24 -12.61
C ASP A 21 -16.93 -1.86 -12.91
N GLU A 22 -16.81 -1.44 -14.17
CA GLU A 22 -17.24 -0.09 -14.52
C GLU A 22 -18.73 0.11 -14.32
N ASP A 23 -19.54 -0.94 -14.45
CA ASP A 23 -20.99 -0.86 -14.27
C ASP A 23 -21.43 -1.27 -12.87
N PHE A 24 -20.53 -1.14 -11.88
CA PHE A 24 -20.80 -1.59 -10.53
C PHE A 24 -22.06 -0.93 -9.95
N ALA A 25 -22.29 0.34 -10.26
CA ALA A 25 -23.42 1.05 -9.69
C ALA A 25 -24.75 0.48 -10.15
N GLU A 26 -24.81 -0.05 -11.39
CA GLU A 26 -26.05 -0.65 -11.88
C GLU A 26 -26.46 -1.85 -11.04
N TYR A 27 -25.50 -2.63 -10.56
CA TYR A 27 -25.82 -3.81 -9.77
C TYR A 27 -26.10 -3.47 -8.31
N VAL A 28 -25.44 -2.45 -7.75
CA VAL A 28 -25.76 -2.03 -6.39
C VAL A 28 -27.20 -1.52 -6.33
N ILE A 29 -27.62 -0.75 -7.34
CA ILE A 29 -28.97 -0.21 -7.38
C ILE A 29 -30.00 -1.33 -7.44
N ALA A 30 -29.78 -2.29 -8.34
CA ALA A 30 -30.70 -3.41 -8.46
C ALA A 30 -30.78 -4.20 -7.16
N ARG A 31 -29.66 -4.34 -6.46
CA ARG A 31 -29.66 -5.07 -5.19
CA ARG A 31 -29.67 -5.07 -5.19
C ARG A 31 -30.39 -4.29 -4.10
N GLU A 32 -30.20 -2.97 -4.07
CA GLU A 32 -30.86 -2.15 -3.05
C GLU A 32 -32.37 -2.16 -3.22
N ASP A 33 -32.86 -2.19 -4.45
CA ASP A 33 -34.30 -2.32 -4.69
C ASP A 33 -34.80 -3.68 -4.24
N ARG A 34 -33.99 -4.72 -4.45
CA ARG A 34 -34.39 -6.09 -4.13
C ARG A 34 -34.27 -6.42 -2.65
N SER A 35 -33.29 -5.82 -1.96
CA SER A 35 -33.11 -6.08 -0.53
C SER A 35 -32.54 -4.83 0.11
N PRO A 36 -33.39 -3.97 0.65
CA PRO A 36 -32.93 -2.69 1.21
C PRO A 36 -32.03 -2.88 2.41
N THR A 37 -31.24 -1.84 2.69
CA THR A 37 -30.23 -1.87 3.75
C THR A 37 -30.35 -0.72 4.73
N GLY A 38 -31.47 -0.01 4.75
CA GLY A 38 -31.62 1.11 5.68
C GLY A 38 -31.67 0.64 7.13
N LEU A 39 -30.87 1.26 7.99
CA LEU A 39 -30.77 0.85 9.39
C LEU A 39 -30.88 2.07 10.30
N GLN A 40 -31.64 1.90 11.38
CA GLN A 40 -31.81 2.94 12.39
C GLN A 40 -31.03 2.54 13.63
N ALA A 41 -30.05 3.37 14.01
CA ALA A 41 -29.17 3.07 15.14
C ALA A 41 -28.98 4.34 15.95
N LYS A 42 -29.81 4.52 16.97
CA LYS A 42 -29.60 5.55 17.99
C LYS A 42 -29.59 6.96 17.39
N GLY A 43 -30.70 7.30 16.73
CA GLY A 43 -30.91 8.65 16.24
C GLY A 43 -30.24 9.00 14.93
N VAL A 44 -29.40 8.12 14.38
CA VAL A 44 -28.77 8.35 13.08
C VAL A 44 -29.15 7.19 12.16
N GLY A 45 -29.53 7.52 10.93
CA GLY A 45 -29.89 6.52 9.94
C GLY A 45 -28.68 6.14 9.10
N VAL A 46 -28.56 4.85 8.83
CA VAL A 46 -27.44 4.28 8.08
C VAL A 46 -27.98 3.38 6.98
N ALA A 47 -27.35 3.44 5.81
CA ALA A 47 -27.60 2.49 4.74
C ALA A 47 -26.28 1.81 4.39
N ILE A 48 -26.36 0.54 3.98
CA ILE A 48 -25.16 -0.21 3.61
C ILE A 48 -25.34 -0.84 2.23
N PRO A 49 -25.31 -0.06 1.15
CA PRO A 49 -25.49 -0.66 -0.18
C PRO A 49 -24.29 -1.49 -0.59
N HIS A 50 -24.57 -2.61 -1.23
CA HIS A 50 -23.54 -3.56 -1.63
C HIS A 50 -24.10 -4.44 -2.75
N THR A 51 -23.29 -5.38 -3.21
CA THR A 51 -23.68 -6.25 -4.31
C THR A 51 -23.25 -7.67 -4.00
N LEU A 52 -23.80 -8.60 -4.76
CA LEU A 52 -23.41 -10.01 -4.71
C LEU A 52 -23.07 -10.46 -6.12
N GLY A 53 -22.07 -11.34 -6.23
CA GLY A 53 -21.71 -11.83 -7.54
C GLY A 53 -20.23 -11.74 -7.86
N ASP A 54 -19.90 -11.20 -9.02
CA ASP A 54 -18.50 -11.14 -9.45
C ASP A 54 -18.18 -9.77 -10.04
N TYR A 55 -18.68 -8.72 -9.41
CA TYR A 55 -18.45 -7.36 -9.88
C TYR A 55 -17.39 -6.62 -9.07
N VAL A 56 -16.67 -7.31 -8.18
CA VAL A 56 -15.68 -6.69 -7.31
C VAL A 56 -14.33 -7.36 -7.53
N ARG A 57 -13.31 -6.55 -7.82
CA ARG A 57 -11.96 -7.09 -7.95
C ARG A 57 -11.28 -7.17 -6.58
N ASP A 58 -11.37 -6.10 -5.80
CA ASP A 58 -10.77 -6.04 -4.47
C ASP A 58 -11.78 -5.47 -3.49
N ASN A 59 -11.76 -5.99 -2.26
CA ASN A 59 -12.63 -5.48 -1.22
C ASN A 59 -12.33 -4.02 -0.93
N ALA A 60 -13.39 -3.23 -0.78
CA ALA A 60 -13.25 -1.80 -0.52
C ALA A 60 -14.50 -1.31 0.18
N ILE A 61 -14.39 -0.11 0.75
CA ILE A 61 -15.50 0.53 1.43
C ILE A 61 -15.47 2.03 1.11
N SER A 62 -16.63 2.57 0.77
CA SER A 62 -16.76 3.97 0.38
C SER A 62 -17.84 4.62 1.23
N VAL A 63 -17.50 5.74 1.85
CA VAL A 63 -18.32 6.34 2.89
C VAL A 63 -18.87 7.67 2.38
N GLY A 64 -20.16 7.88 2.58
CA GLY A 64 -20.79 9.14 2.23
C GLY A 64 -21.53 9.73 3.42
N ILE A 65 -21.36 11.03 3.62
CA ILE A 65 -22.03 11.77 4.69
C ILE A 65 -23.01 12.73 4.03
N LEU A 66 -24.28 12.62 4.39
CA LEU A 66 -25.33 13.44 3.80
C LEU A 66 -25.65 14.60 4.72
N ASP A 67 -25.72 15.81 4.14
CA ASP A 67 -26.04 16.99 4.94
C ASP A 67 -27.47 16.95 5.46
N LYS A 68 -28.41 16.54 4.61
CA LYS A 68 -29.79 16.31 4.97
C LYS A 68 -30.14 14.85 4.73
N PRO A 69 -31.01 14.26 5.55
CA PRO A 69 -31.33 12.84 5.39
C PRO A 69 -32.10 12.58 4.11
N VAL A 70 -31.73 11.50 3.42
CA VAL A 70 -32.52 10.99 2.31
C VAL A 70 -33.06 9.62 2.71
N ASN A 71 -34.27 9.32 2.25
CA ASN A 71 -34.93 8.10 2.69
C ASN A 71 -34.36 6.88 2.00
N PHE A 72 -34.11 5.84 2.78
CA PHE A 72 -33.81 4.51 2.28
C PHE A 72 -34.83 3.55 2.86
N GLU A 73 -35.25 2.58 2.04
CA GLU A 73 -36.12 1.54 2.56
C GLU A 73 -35.38 0.73 3.63
N GLY A 74 -36.14 0.25 4.61
CA GLY A 74 -35.51 -0.38 5.77
C GLY A 74 -34.99 -1.78 5.45
N TRP A 75 -33.83 -2.11 6.04
CA TRP A 75 -33.36 -3.49 6.07
C TRP A 75 -34.42 -4.41 6.64
N TYR A 76 -35.06 -3.98 7.72
CA TYR A 76 -36.17 -4.69 8.33
C TYR A 76 -37.47 -4.00 7.95
N GLN A 77 -38.51 -4.81 7.75
CA GLN A 77 -39.76 -4.28 7.19
C GLN A 77 -40.47 -3.38 8.19
N SER A 78 -40.99 -2.27 7.69
CA SER A 78 -41.79 -1.34 8.48
C SER A 78 -42.35 -0.28 7.55
N PRO A 79 -43.43 0.40 7.94
CA PRO A 79 -43.76 1.68 7.30
C PRO A 79 -42.77 2.74 7.75
N ASP A 80 -42.84 3.90 7.10
CA ASP A 80 -41.96 5.03 7.36
C ASP A 80 -40.52 4.61 7.16
N PRO A 81 -39.98 4.77 5.94
CA PRO A 81 -38.61 4.34 5.67
C PRO A 81 -37.59 5.06 6.56
N VAL A 82 -36.33 4.64 6.42
CA VAL A 82 -35.26 5.11 7.29
C VAL A 82 -34.65 6.39 6.72
N PRO A 83 -34.71 7.51 7.44
CA PRO A 83 -33.96 8.71 7.02
C PRO A 83 -32.48 8.52 7.32
N VAL A 84 -31.67 8.47 6.28
CA VAL A 84 -30.26 8.08 6.37
C VAL A 84 -29.38 9.31 6.21
N ARG A 85 -28.33 9.39 7.03
CA ARG A 85 -27.33 10.42 6.89
C ARG A 85 -25.91 9.88 6.68
N VAL A 86 -25.65 8.62 6.97
CA VAL A 86 -24.35 7.99 6.76
C VAL A 86 -24.53 6.77 5.88
N VAL A 87 -23.81 6.72 4.77
CA VAL A 87 -23.90 5.61 3.82
C VAL A 87 -22.54 4.92 3.75
N PHE A 88 -22.52 3.62 4.06
CA PHE A 88 -21.34 2.77 3.93
C PHE A 88 -21.54 1.90 2.68
N MET A 89 -20.96 2.31 1.56
CA MET A 89 -21.00 1.47 0.37
C MET A 89 -19.92 0.40 0.49
N LEU A 90 -20.32 -0.86 0.31
CA LEU A 90 -19.44 -2.01 0.41
C LEU A 90 -19.18 -2.59 -0.97
N ALA A 91 -17.90 -2.80 -1.28
CA ALA A 91 -17.49 -3.62 -2.42
C ALA A 91 -16.90 -4.90 -1.83
N GLY A 92 -17.65 -5.99 -1.93
CA GLY A 92 -17.20 -7.29 -1.43
C GLY A 92 -17.07 -8.29 -2.57
N ARG A 93 -15.97 -9.04 -2.54
CA ARG A 93 -15.76 -10.06 -3.57
C ARG A 93 -16.82 -11.16 -3.47
N THR A 94 -16.97 -11.76 -2.30
CA THR A 94 -17.92 -12.83 -2.08
C THR A 94 -18.86 -12.45 -0.95
N TRP A 95 -19.94 -13.23 -0.82
CA TRP A 95 -20.87 -13.04 0.28
C TRP A 95 -20.17 -13.16 1.64
N ASP A 96 -19.18 -14.06 1.73
CA ASP A 96 -18.48 -14.24 3.01
C ASP A 96 -17.68 -12.99 3.40
N ASP A 97 -17.09 -12.30 2.41
CA ASP A 97 -16.34 -11.08 2.75
C ASP A 97 -17.27 -9.96 3.21
N ILE A 98 -18.48 -9.91 2.67
CA ILE A 98 -19.41 -8.84 3.05
C ILE A 98 -19.88 -9.01 4.49
N VAL A 99 -20.17 -10.24 4.89
CA VAL A 99 -20.63 -10.49 6.26
C VAL A 99 -19.58 -10.06 7.26
N ILE A 100 -18.29 -10.31 6.95
CA ILE A 100 -17.21 -9.87 7.82
C ILE A 100 -17.33 -8.37 8.08
N VAL A 101 -17.50 -7.59 7.02
CA VAL A 101 -17.62 -6.14 7.18
C VAL A 101 -18.90 -5.78 7.92
N LEU A 102 -19.99 -6.52 7.68
CA LEU A 102 -21.23 -6.24 8.37
C LEU A 102 -21.12 -6.46 9.87
N LYS A 103 -20.34 -7.47 10.29
CA LYS A 103 -20.00 -7.64 11.70
C LYS A 103 -19.37 -6.37 12.26
N TRP A 104 -18.29 -5.94 11.61
CA TRP A 104 -17.54 -4.77 12.08
C TRP A 104 -18.40 -3.52 12.05
N LEU A 105 -19.21 -3.34 11.00
CA LEU A 105 -20.05 -2.15 10.91
C LEU A 105 -21.08 -2.11 12.03
N LYS A 106 -21.60 -3.26 12.44
CA LYS A 106 -22.58 -3.29 13.52
C LYS A 106 -21.98 -2.70 14.80
N ASP A 107 -20.77 -3.11 15.15
CA ASP A 107 -20.11 -2.50 16.31
C ASP A 107 -19.83 -1.03 16.07
N VAL A 108 -19.54 -0.65 14.82
CA VAL A 108 -19.25 0.75 14.53
C VAL A 108 -20.49 1.61 14.76
N ILE A 109 -21.60 1.23 14.15
CA ILE A 109 -22.78 2.09 14.22
C ILE A 109 -23.44 2.03 15.60
N LEU A 110 -23.11 1.02 16.41
CA LEU A 110 -23.56 1.01 17.80
C LEU A 110 -22.65 1.83 18.71
N ASP A 111 -21.46 2.20 18.26
CA ASP A 111 -20.58 3.11 18.98
C ASP A 111 -21.12 4.52 18.79
N GLU A 112 -21.85 5.03 19.79
CA GLU A 112 -22.56 6.30 19.62
C GLU A 112 -21.59 7.43 19.29
N GLU A 113 -20.55 7.61 20.12
CA GLU A 113 -19.65 8.75 19.91
C GLU A 113 -18.96 8.68 18.56
N PHE A 114 -18.60 7.47 18.12
CA PHE A 114 -17.95 7.33 16.81
C PHE A 114 -18.85 7.83 15.70
N MET A 115 -20.13 7.41 15.72
CA MET A 115 -21.04 7.80 14.66
C MET A 115 -21.28 9.31 14.64
N LYS A 116 -21.38 9.95 15.81
CA LYS A 116 -21.68 11.37 15.81
C LYS A 116 -20.49 12.21 15.35
N ARG A 117 -19.26 11.72 15.55
CA ARG A 117 -18.10 12.40 14.96
C ARG A 117 -18.13 12.34 13.44
N LEU A 118 -18.62 11.22 12.88
CA LEU A 118 -18.74 11.13 11.43
C LEU A 118 -19.64 12.22 10.87
N LEU A 119 -20.67 12.62 11.63
CA LEU A 119 -21.60 13.64 11.20
C LEU A 119 -21.04 15.06 11.33
N THR A 120 -19.93 15.24 12.05
CA THR A 120 -19.38 16.57 12.29
C THR A 120 -17.95 16.76 11.82
N MET A 121 -17.17 15.69 11.67
CA MET A 121 -15.78 15.84 11.27
C MET A 121 -15.66 16.12 9.77
N SER A 122 -14.48 16.62 9.38
CA SER A 122 -14.18 16.86 7.98
C SER A 122 -13.87 15.54 7.27
N ASP A 123 -13.81 15.61 5.93
CA ASP A 123 -13.46 14.43 5.13
C ASP A 123 -12.14 13.82 5.59
N GLU A 124 -11.13 14.67 5.83
CA GLU A 124 -9.82 14.16 6.23
C GLU A 124 -9.87 13.48 7.60
N GLU A 125 -10.61 14.06 8.54
CA GLU A 125 -10.70 13.47 9.87
C GLU A 125 -11.52 12.19 9.86
N ILE A 126 -12.56 12.13 9.03
CA ILE A 126 -13.34 10.90 8.89
C ILE A 126 -12.46 9.77 8.40
N TYR A 127 -11.61 10.05 7.40
CA TYR A 127 -10.69 9.04 6.89
C TYR A 127 -9.79 8.52 8.01
N ARG A 128 -9.12 9.43 8.73
CA ARG A 128 -8.16 9.00 9.74
C ARG A 128 -8.82 8.17 10.83
N GLN A 129 -10.02 8.56 11.26
CA GLN A 129 -10.71 7.81 12.30
C GLN A 129 -11.12 6.43 11.79
N ILE A 130 -11.67 6.36 10.59
CA ILE A 130 -12.13 5.08 10.06
C ILE A 130 -10.94 4.18 9.72
N TYR A 131 -9.92 4.74 9.05
CA TYR A 131 -8.75 3.95 8.69
C TYR A 131 -8.06 3.40 9.93
N THR A 132 -8.03 4.18 11.01
CA THR A 132 -7.45 3.70 12.26
C THR A 132 -8.24 2.53 12.82
N ARG A 133 -9.57 2.63 12.82
CA ARG A 133 -10.39 1.54 13.33
C ARG A 133 -10.26 0.29 12.46
N ILE A 134 -10.06 0.46 11.16
CA ILE A 134 -9.84 -0.68 10.28
C ILE A 134 -8.53 -1.39 10.64
N SER A 135 -7.48 -0.62 10.93
CA SER A 135 -6.17 -1.22 11.20
C SER A 135 -6.20 -2.13 12.42
N LYS A 136 -7.13 -1.89 13.35
CA LYS A 136 -7.22 -2.66 14.59
C LYS A 136 -8.10 -3.89 14.45
N ALA A 137 -8.72 -4.11 13.29
CA ALA A 137 -9.57 -5.28 13.04
C ALA A 137 -8.83 -6.21 12.08
N PRO A 138 -8.10 -7.20 12.60
CA PRO A 138 -7.26 -8.03 11.71
C PRO A 138 -8.04 -8.83 10.69
N GLN A 139 -9.31 -9.13 10.94
CA GLN A 139 -10.09 -9.87 9.97
C GLN A 139 -10.52 -9.01 8.78
N LEU A 140 -10.35 -7.69 8.86
CA LEU A 140 -10.68 -6.75 7.80
C LEU A 140 -9.48 -6.10 7.15
N SER A 141 -8.49 -5.71 7.96
CA SER A 141 -7.42 -4.74 7.67
C SER A 141 -7.03 -4.58 6.21
N GLY A 142 -6.99 -5.68 5.45
CA GLY A 142 -6.59 -5.60 4.05
C GLY A 142 -7.56 -4.83 3.16
N ILE A 143 -8.74 -4.47 3.65
CA ILE A 143 -9.75 -3.84 2.81
C ILE A 143 -9.27 -2.48 2.33
N ASN A 144 -9.58 -2.16 1.08
CA ASN A 144 -9.13 -0.89 0.50
C ASN A 144 -9.97 0.27 1.04
N PHE A 145 -9.28 1.26 1.59
CA PHE A 145 -9.94 2.47 2.08
C PHE A 145 -8.96 3.62 1.97
N LYS A 146 -9.32 4.64 1.20
CA LYS A 146 -8.43 5.75 0.89
C LYS A 146 -9.14 7.07 1.19
N ARG A 147 -8.36 8.15 1.23
CA ARG A 147 -8.94 9.48 1.45
C ARG A 147 -10.00 9.80 0.42
N GLU A 148 -9.80 9.33 -0.82
CA GLU A 148 -10.74 9.55 -1.91
C GLU A 148 -12.05 8.79 -1.73
N TYR A 149 -12.15 7.90 -0.73
CA TYR A 149 -13.35 7.12 -0.50
C TYR A 149 -14.23 7.72 0.57
N VAL A 150 -14.05 9.00 0.89
CA VAL A 150 -14.89 9.73 1.83
C VAL A 150 -15.44 10.96 1.14
N ARG A 151 -16.75 11.17 1.23
CA ARG A 151 -17.37 12.31 0.56
C ARG A 151 -18.57 12.81 1.36
N HIS A 152 -18.73 14.13 1.37
CA HIS A 152 -19.96 14.77 1.80
C HIS A 152 -20.88 14.94 0.60
N LEU A 153 -22.16 14.69 0.81
CA LEU A 153 -23.14 14.80 -0.27
C LEU A 153 -24.28 15.73 0.11
N VAL B 1 26.88 43.52 57.19
CA VAL B 1 27.84 42.48 56.84
C VAL B 1 27.23 41.10 57.10
N THR B 2 27.40 40.19 56.15
CA THR B 2 26.76 38.88 56.18
C THR B 2 27.77 37.80 56.59
N GLN B 3 27.23 36.64 56.98
CA GLN B 3 28.07 35.49 57.31
C GLN B 3 28.98 35.14 56.14
N GLU B 4 28.47 35.27 54.90
CA GLU B 4 29.28 34.97 53.72
C GLU B 4 30.44 35.95 53.60
N ASP B 5 30.21 37.23 53.89
CA ASP B 5 31.30 38.20 53.87
C ASP B 5 32.35 37.87 54.92
N ILE B 6 31.91 37.40 56.09
CA ILE B 6 32.85 37.03 57.15
C ILE B 6 33.72 35.86 56.69
N ILE B 7 33.08 34.80 56.20
CA ILE B 7 33.80 33.58 55.85
C ILE B 7 34.79 33.84 54.71
N ARG B 8 34.39 34.65 53.73
CA ARG B 8 35.32 34.98 52.65
C ARG B 8 36.46 35.85 53.16
N ALA B 9 36.18 36.78 54.08
CA ALA B 9 37.23 37.64 54.61
C ALA B 9 38.24 36.84 55.41
N LEU B 10 37.78 35.89 56.22
CA LEU B 10 38.69 35.10 57.04
C LEU B 10 39.38 34.01 56.25
N ALA B 11 38.77 33.54 55.15
CA ALA B 11 39.42 32.54 54.31
C ALA B 11 40.57 33.13 53.50
N SER B 12 40.50 34.42 53.19
CA SER B 12 41.44 35.03 52.25
C SER B 12 42.90 34.83 52.62
N PRO B 13 43.36 35.10 53.85
CA PRO B 13 44.79 34.89 54.14
C PRO B 13 45.20 33.43 54.09
N LEU B 14 44.30 32.51 54.45
CA LEU B 14 44.64 31.09 54.36
C LEU B 14 44.79 30.65 52.90
N ILE B 15 43.97 31.20 52.01
CA ILE B 15 44.07 30.86 50.60
C ILE B 15 45.37 31.39 50.01
N LYS B 16 45.76 32.61 50.40
CA LYS B 16 46.97 33.22 49.84
C LYS B 16 48.23 32.48 50.25
N ASP B 17 48.22 31.84 51.42
CA ASP B 17 49.36 31.06 51.89
C ASP B 17 49.29 29.61 51.43
N GLY B 18 48.24 29.22 50.71
CA GLY B 18 48.10 27.84 50.32
C GLY B 18 47.75 26.89 51.44
N MET B 19 47.30 27.41 52.58
CA MET B 19 46.84 26.52 53.65
C MET B 19 45.64 25.69 53.20
N VAL B 20 44.82 26.23 52.30
CA VAL B 20 43.58 25.61 51.85
C VAL B 20 43.47 25.78 50.34
N ASP B 21 42.56 25.01 49.75
CA ASP B 21 42.29 25.18 48.33
C ASP B 21 41.69 26.56 48.07
N GLU B 22 41.82 27.00 46.81
CA GLU B 22 41.39 28.34 46.43
C GLU B 22 39.87 28.53 46.58
N ASP B 23 39.08 27.47 46.38
CA ASP B 23 37.64 27.51 46.56
C ASP B 23 37.20 27.10 47.97
N PHE B 24 38.10 27.26 48.95
CA PHE B 24 37.82 26.83 50.33
C PHE B 24 36.58 27.51 50.90
N ALA B 25 36.36 28.79 50.56
CA ALA B 25 35.25 29.52 51.16
C ALA B 25 33.91 28.89 50.78
N GLU B 26 33.77 28.46 49.52
CA GLU B 26 32.51 27.86 49.10
C GLU B 26 32.15 26.64 49.94
N TYR B 27 33.16 25.87 50.36
CA TYR B 27 32.87 24.67 51.14
C TYR B 27 32.56 24.99 52.59
N VAL B 28 33.19 26.02 53.15
CA VAL B 28 32.81 26.48 54.49
C VAL B 28 31.39 27.02 54.48
N ILE B 29 31.02 27.73 53.42
CA ILE B 29 29.63 28.21 53.28
C ILE B 29 28.67 27.04 53.38
N ALA B 30 28.88 26.02 52.55
CA ALA B 30 27.93 24.91 52.49
C ALA B 30 27.87 24.15 53.81
N ARG B 31 29.01 23.95 54.47
CA ARG B 31 29.03 23.26 55.76
CA ARG B 31 29.02 23.25 55.75
C ARG B 31 28.29 24.05 56.82
N GLU B 32 28.48 25.37 56.84
CA GLU B 32 27.80 26.21 57.83
C GLU B 32 26.29 26.22 57.61
N ASP B 33 25.84 26.00 56.37
CA ASP B 33 24.40 25.89 56.13
C ASP B 33 23.84 24.58 56.67
N ARG B 34 24.60 23.49 56.54
CA ARG B 34 24.08 22.18 56.95
C ARG B 34 24.27 21.92 58.43
N SER B 35 25.31 22.48 59.05
CA SER B 35 25.56 22.29 60.48
C SER B 35 26.15 23.56 61.05
N PRO B 36 25.31 24.46 61.54
CA PRO B 36 25.81 25.75 62.03
C PRO B 36 26.66 25.58 63.28
N THR B 37 27.45 26.62 63.57
CA THR B 37 28.44 26.55 64.65
C THR B 37 28.36 27.74 65.60
N GLY B 38 27.20 28.42 65.67
CA GLY B 38 27.08 29.53 66.59
C GLY B 38 26.99 29.07 68.03
N LEU B 39 27.81 29.67 68.90
CA LEU B 39 27.89 29.27 70.30
C LEU B 39 27.78 30.48 71.19
N GLN B 40 27.04 30.34 72.29
CA GLN B 40 26.85 31.40 73.27
C GLN B 40 27.72 31.13 74.48
N ALA B 41 28.81 31.88 74.62
CA ALA B 41 29.75 31.70 75.72
C ALA B 41 29.66 32.90 76.64
N LYS B 42 29.08 32.68 77.83
CA LYS B 42 28.97 33.71 78.87
C LYS B 42 28.23 34.94 78.33
N GLY B 43 28.97 35.94 77.91
CA GLY B 43 28.36 37.15 77.36
C GLY B 43 28.71 37.42 75.92
N VAL B 44 29.54 36.56 75.32
CA VAL B 44 30.02 36.75 73.96
C VAL B 44 29.54 35.58 73.10
N GLY B 45 29.12 35.89 71.87
CA GLY B 45 28.75 34.87 70.92
C GLY B 45 29.93 34.52 70.02
N VAL B 46 30.05 33.23 69.71
CA VAL B 46 31.19 32.71 68.97
C VAL B 46 30.68 31.86 67.82
N ALA B 47 31.39 31.90 66.68
CA ALA B 47 31.16 31.00 65.57
C ALA B 47 32.45 30.27 65.26
N ILE B 48 32.33 29.01 64.83
CA ILE B 48 33.51 28.21 64.48
C ILE B 48 33.30 27.58 63.12
N PRO B 49 33.31 28.35 62.03
CA PRO B 49 33.10 27.76 60.71
C PRO B 49 34.31 26.94 60.27
N HIS B 50 34.03 25.81 59.63
CA HIS B 50 35.08 24.89 59.19
C HIS B 50 34.51 24.02 58.08
N THR B 51 35.33 23.06 57.63
CA THR B 51 34.96 22.20 56.52
C THR B 51 35.37 20.78 56.85
N LEU B 52 34.81 19.84 56.08
CA LEU B 52 35.16 18.43 56.17
C LEU B 52 35.47 17.93 54.77
N GLY B 53 36.55 17.18 54.63
CA GLY B 53 36.91 16.65 53.33
C GLY B 53 38.40 16.76 53.03
N ASP B 54 38.74 17.21 51.82
CA ASP B 54 40.13 17.30 51.38
C ASP B 54 40.43 18.66 50.81
N TYR B 55 39.97 19.71 51.48
CA TYR B 55 40.17 21.08 51.01
C TYR B 55 41.23 21.82 51.82
N VAL B 56 41.96 21.13 52.69
CA VAL B 56 42.93 21.75 53.59
C VAL B 56 44.28 21.07 53.38
N ARG B 57 45.29 21.86 53.03
CA ARG B 57 46.63 21.31 52.93
C ARG B 57 47.32 21.28 54.30
N ASP B 58 47.16 22.34 55.08
CA ASP B 58 47.79 22.46 56.40
C ASP B 58 46.78 23.00 57.39
N ASN B 59 46.84 22.47 58.62
CA ASN B 59 45.98 22.96 59.69
C ASN B 59 46.26 24.44 59.97
N ALA B 60 45.20 25.22 60.11
CA ALA B 60 45.35 26.65 60.32
C ALA B 60 44.14 27.17 61.10
N ILE B 61 44.31 28.37 61.65
CA ILE B 61 43.26 29.04 62.41
C ILE B 61 43.24 30.50 61.97
N SER B 62 42.05 31.02 61.72
CA SER B 62 41.87 32.40 61.26
C SER B 62 40.80 33.03 62.13
N VAL B 63 41.12 34.16 62.74
CA VAL B 63 40.31 34.77 63.78
C VAL B 63 39.77 36.09 63.28
N GLY B 64 38.47 36.32 63.48
CA GLY B 64 37.86 37.58 63.14
C GLY B 64 37.11 38.17 64.32
N ILE B 65 37.29 39.47 64.57
CA ILE B 65 36.59 40.19 65.62
C ILE B 65 35.63 41.16 64.95
N LEU B 66 34.34 41.05 65.26
CA LEU B 66 33.31 41.88 64.66
C LEU B 66 32.99 43.04 65.59
N ASP B 67 32.93 44.25 65.03
CA ASP B 67 32.63 45.42 65.86
C ASP B 67 31.19 45.41 66.33
N LYS B 68 30.27 44.92 65.49
CA LYS B 68 28.89 44.72 65.83
C LYS B 68 28.51 43.26 65.61
N PRO B 69 27.64 42.69 66.44
CA PRO B 69 27.31 41.26 66.30
C PRO B 69 26.51 41.00 65.02
N VAL B 70 26.87 39.91 64.35
CA VAL B 70 26.08 39.43 63.22
C VAL B 70 25.54 38.05 63.60
N ASN B 71 24.36 37.74 63.09
CA ASN B 71 23.67 36.53 63.51
C ASN B 71 24.28 35.30 62.84
N PHE B 72 24.50 34.27 63.65
CA PHE B 72 24.81 32.93 63.17
C PHE B 72 23.78 31.97 63.72
N GLU B 73 23.37 31.02 62.89
CA GLU B 73 22.50 29.97 63.39
C GLU B 73 23.24 29.16 64.45
N GLY B 74 22.49 28.66 65.42
CA GLY B 74 23.11 28.03 66.58
C GLY B 74 23.65 26.65 66.28
N TRP B 75 24.77 26.32 66.93
CA TRP B 75 25.25 24.93 66.95
C TRP B 75 24.19 24.01 67.52
N TYR B 76 23.56 24.42 68.62
CA TYR B 76 22.41 23.75 69.18
C TYR B 76 21.16 24.53 68.82
N GLN B 77 20.05 23.81 68.63
CA GLN B 77 18.85 24.42 68.09
C GLN B 77 18.18 25.30 69.12
N SER B 78 17.68 26.45 68.67
CA SER B 78 16.98 27.40 69.52
C SER B 78 16.14 28.30 68.62
N PRO B 79 15.06 28.88 69.15
CA PRO B 79 14.24 29.78 68.32
C PRO B 79 14.94 31.06 67.93
N ASP B 80 16.00 31.44 68.62
CA ASP B 80 16.72 32.67 68.33
C ASP B 80 18.14 32.38 67.84
N PRO B 81 18.62 33.15 66.87
CA PRO B 81 20.02 32.96 66.42
C PRO B 81 21.02 33.43 67.47
N VAL B 82 22.29 33.24 67.21
CA VAL B 82 23.36 33.62 68.13
C VAL B 82 24.00 34.91 67.63
N PRO B 83 23.92 36.01 68.39
CA PRO B 83 24.69 37.21 68.02
C PRO B 83 26.17 37.00 68.26
N VAL B 84 26.95 36.87 67.20
CA VAL B 84 28.35 36.47 67.27
C VAL B 84 29.24 37.70 67.12
N ARG B 85 30.29 37.76 67.94
CA ARG B 85 31.31 38.80 67.79
C ARG B 85 32.71 38.26 67.57
N VAL B 86 32.98 36.99 67.85
CA VAL B 86 34.28 36.38 67.63
C VAL B 86 34.09 35.16 66.73
N VAL B 87 34.84 35.10 65.63
CA VAL B 87 34.75 34.01 64.67
C VAL B 87 36.11 33.33 64.60
N PHE B 88 36.12 32.03 64.88
CA PHE B 88 37.31 31.19 64.75
C PHE B 88 37.12 30.31 63.52
N MET B 89 37.74 30.68 62.41
CA MET B 89 37.66 29.84 61.22
C MET B 89 38.71 28.74 61.31
N LEU B 90 38.28 27.49 61.18
CA LEU B 90 39.17 26.35 61.27
C LEU B 90 39.50 25.82 59.88
N ALA B 91 40.77 25.54 59.65
CA ALA B 91 41.21 24.76 58.50
C ALA B 91 41.77 23.47 59.07
N GLY B 92 41.01 22.39 58.91
CA GLY B 92 41.43 21.10 59.41
C GLY B 92 41.57 20.09 58.30
N ARG B 93 42.67 19.33 58.33
CA ARG B 93 42.89 18.33 57.29
C ARG B 93 41.84 17.23 57.38
N THR B 94 41.68 16.63 58.55
CA THR B 94 40.71 15.57 58.78
C THR B 94 39.77 15.96 59.90
N TRP B 95 38.72 15.15 60.06
CA TRP B 95 37.78 15.37 61.16
C TRP B 95 38.49 15.30 62.51
N ASP B 96 39.46 14.38 62.63
CA ASP B 96 40.13 14.19 63.92
C ASP B 96 40.92 15.44 64.32
N ASP B 97 41.56 16.11 63.34
CA ASP B 97 42.30 17.32 63.68
C ASP B 97 41.35 18.42 64.17
N ILE B 98 40.16 18.52 63.57
CA ILE B 98 39.23 19.59 63.96
C ILE B 98 38.76 19.41 65.39
N VAL B 99 38.46 18.17 65.80
CA VAL B 99 37.98 17.93 67.15
C VAL B 99 39.04 18.33 68.18
N ILE B 100 40.32 18.11 67.85
CA ILE B 100 41.40 18.48 68.76
C ILE B 100 41.33 19.96 69.10
N VAL B 101 41.24 20.82 68.08
CA VAL B 101 41.21 22.26 68.35
C VAL B 101 39.85 22.68 68.87
N LEU B 102 38.78 21.94 68.54
CA LEU B 102 37.48 22.24 69.12
C LEU B 102 37.49 22.03 70.62
N LYS B 103 38.19 21.00 71.10
CA LYS B 103 38.35 20.81 72.53
C LYS B 103 39.17 21.95 73.13
N TRP B 104 40.26 22.33 72.47
CA TRP B 104 41.04 23.48 72.91
C TRP B 104 40.19 24.75 72.93
N LEU B 105 39.40 24.97 71.87
CA LEU B 105 38.59 26.18 71.79
C LEU B 105 37.56 26.26 72.91
N LYS B 106 37.02 25.12 73.34
CA LYS B 106 36.04 25.12 74.43
C LYS B 106 36.64 25.74 75.69
N ASP B 107 37.88 25.37 76.03
CA ASP B 107 38.54 25.98 77.17
C ASP B 107 38.82 27.44 76.92
N VAL B 108 39.13 27.81 75.66
CA VAL B 108 39.41 29.21 75.35
C VAL B 108 38.17 30.06 75.59
N ILE B 109 37.04 29.66 75.00
CA ILE B 109 35.85 30.51 75.10
C ILE B 109 35.21 30.45 76.47
N LEU B 110 35.54 29.45 77.29
CA LEU B 110 35.09 29.43 78.67
C LEU B 110 35.98 30.26 79.60
N ASP B 111 37.17 30.64 79.15
CA ASP B 111 38.03 31.57 79.88
C ASP B 111 37.49 32.98 79.67
N GLU B 112 36.69 33.44 80.63
CA GLU B 112 36.05 34.75 80.48
C GLU B 112 37.06 35.85 80.21
N GLU B 113 38.15 35.89 80.98
CA GLU B 113 39.11 36.97 80.83
C GLU B 113 39.76 36.97 79.46
N PHE B 114 40.07 35.78 78.93
CA PHE B 114 40.70 35.69 77.62
C PHE B 114 39.78 36.25 76.54
N MET B 115 38.50 35.86 76.56
CA MET B 115 37.59 36.26 75.49
C MET B 115 37.34 37.76 75.49
N LYS B 116 37.27 38.38 76.66
CA LYS B 116 36.98 39.81 76.68
C LYS B 116 38.16 40.64 76.16
N ARG B 117 39.41 40.17 76.36
CA ARG B 117 40.55 40.84 75.77
C ARG B 117 40.53 40.74 74.25
N LEU B 118 40.03 39.62 73.71
CA LEU B 118 39.85 39.53 72.26
C LEU B 118 38.94 40.64 71.75
N LEU B 119 37.93 41.02 72.53
CA LEU B 119 36.99 42.04 72.08
C LEU B 119 37.57 43.45 72.21
N THR B 120 38.68 43.63 72.93
CA THR B 120 39.23 44.94 73.20
C THR B 120 40.66 45.14 72.69
N MET B 121 41.44 44.07 72.52
CA MET B 121 42.83 44.24 72.12
C MET B 121 42.93 44.53 70.62
N SER B 122 44.11 44.98 70.21
CA SER B 122 44.41 45.23 68.82
C SER B 122 44.74 43.91 68.10
N ASP B 123 44.82 43.99 66.77
CA ASP B 123 45.20 42.83 65.97
C ASP B 123 46.51 42.23 66.45
N GLU B 124 47.51 43.08 66.71
CA GLU B 124 48.83 42.60 67.11
C GLU B 124 48.78 41.90 68.47
N GLU B 125 48.04 42.46 69.42
CA GLU B 125 47.97 41.88 70.76
C GLU B 125 47.13 40.60 70.76
N ILE B 126 46.08 40.55 69.94
CA ILE B 126 45.31 39.32 69.82
C ILE B 126 46.16 38.18 69.30
N TYR B 127 46.99 38.46 68.29
CA TYR B 127 47.91 37.44 67.78
C TYR B 127 48.82 36.91 68.88
N ARG B 128 49.52 37.81 69.58
CA ARG B 128 50.49 37.39 70.58
C ARG B 128 49.82 36.59 71.69
N GLN B 129 48.62 36.98 72.10
CA GLN B 129 47.93 36.23 73.15
C GLN B 129 47.49 34.87 72.66
N ILE B 130 46.94 34.78 71.45
CA ILE B 130 46.49 33.50 70.92
C ILE B 130 47.68 32.60 70.60
N TYR B 131 48.70 33.16 69.94
CA TYR B 131 49.87 32.37 69.59
C TYR B 131 50.55 31.82 70.85
N THR B 132 50.55 32.59 71.93
CA THR B 132 51.13 32.11 73.19
C THR B 132 50.37 30.91 73.72
N ARG B 133 49.03 30.99 73.75
CA ARG B 133 48.25 29.88 74.26
C ARG B 133 48.40 28.65 73.37
N ILE B 134 48.60 28.85 72.06
CA ILE B 134 48.82 27.71 71.17
C ILE B 134 50.13 27.01 71.51
N SER B 135 51.19 27.78 71.76
CA SER B 135 52.50 27.20 72.03
C SER B 135 52.47 26.30 73.26
N LYS B 136 51.57 26.56 74.20
CA LYS B 136 51.49 25.80 75.43
C LYS B 136 50.57 24.59 75.33
N ALA B 137 49.96 24.35 74.16
CA ALA B 137 49.13 23.18 73.93
C ALA B 137 49.86 22.24 72.99
N PRO B 138 50.53 21.20 73.50
CA PRO B 138 51.38 20.38 72.62
C PRO B 138 50.61 19.60 71.58
N GLN B 139 49.34 19.28 71.83
CA GLN B 139 48.55 18.54 70.85
C GLN B 139 48.13 19.41 69.67
N LEU B 140 48.30 20.73 69.76
CA LEU B 140 47.95 21.67 68.71
C LEU B 140 49.16 22.32 68.04
N SER B 141 50.15 22.69 68.84
CA SER B 141 51.22 23.66 68.53
C SER B 141 51.58 23.81 67.05
N GLY B 142 51.60 22.71 66.31
CA GLY B 142 51.99 22.78 64.91
C GLY B 142 51.05 23.57 64.03
N ILE B 143 49.89 23.98 64.53
CA ILE B 143 48.89 24.60 63.70
C ILE B 143 49.39 25.96 63.21
N ASN B 144 49.03 26.29 61.96
CA ASN B 144 49.47 27.54 61.37
C ASN B 144 48.66 28.70 61.92
N PHE B 145 49.36 29.70 62.44
CA PHE B 145 48.72 30.91 62.93
C PHE B 145 49.74 32.04 62.88
N LYS B 146 49.37 33.15 62.24
CA LYS B 146 50.28 34.27 62.08
C LYS B 146 49.47 35.56 62.09
N ARG B 147 50.20 36.69 62.19
CA ARG B 147 49.57 37.99 62.37
C ARG B 147 48.55 38.29 61.29
N GLU B 148 48.77 37.80 60.07
CA GLU B 148 47.85 38.01 58.97
C GLU B 148 46.54 37.24 59.13
N TYR B 149 46.44 36.35 60.12
CA TYR B 149 45.23 35.56 60.35
C TYR B 149 44.35 36.14 61.44
N VAL B 150 44.58 37.40 61.82
CA VAL B 150 43.73 38.13 62.76
C VAL B 150 43.18 39.35 62.03
N ARG B 151 41.88 39.60 62.18
CA ARG B 151 41.22 40.68 61.46
C ARG B 151 40.06 41.22 62.26
N HIS B 152 39.88 42.54 62.22
CA HIS B 152 38.65 43.17 62.66
C HIS B 152 37.72 43.37 61.47
N LEU B 153 36.45 43.13 61.68
CA LEU B 153 35.47 43.25 60.60
C LEU B 153 34.31 44.16 61.00
N GLU C 1 50.61 13.72 20.93
CA GLU C 1 51.52 13.34 22.00
C GLU C 1 50.75 13.11 23.31
N VAL C 2 49.91 14.07 23.68
CA VAL C 2 49.05 13.90 24.86
C VAL C 2 47.96 12.90 24.49
N GLN C 3 47.97 11.73 25.14
CA GLN C 3 47.01 10.68 24.83
C GLN C 3 46.46 10.09 26.11
N LEU C 4 45.14 9.88 26.13
CA LEU C 4 44.44 9.26 27.25
C LEU C 4 43.68 8.06 26.70
N VAL C 5 44.15 6.86 27.03
CA VAL C 5 43.60 5.63 26.47
C VAL C 5 42.89 4.88 27.59
N GLU C 6 41.58 4.71 27.45
CA GLU C 6 40.76 4.08 28.46
C GLU C 6 40.42 2.64 28.05
N SER C 7 40.14 1.82 29.06
CA SER C 7 39.79 0.43 28.83
C SER C 7 39.12 -0.10 30.09
N GLY C 8 38.57 -1.31 29.97
CA GLY C 8 37.88 -1.96 31.07
C GLY C 8 36.37 -1.82 31.03
N GLY C 9 35.84 -0.98 30.15
CA GLY C 9 34.39 -0.88 30.03
C GLY C 9 33.79 -2.12 29.41
N GLY C 10 32.59 -2.46 29.86
CA GLY C 10 31.90 -3.60 29.31
C GLY C 10 30.58 -3.83 30.02
N LEU C 11 30.04 -5.03 29.82
CA LEU C 11 28.77 -5.43 30.40
C LEU C 11 28.98 -5.97 31.80
N VAL C 12 28.12 -5.54 32.73
CA VAL C 12 28.20 -5.99 34.12
C VAL C 12 26.79 -6.05 34.67
N LYS C 13 26.53 -7.05 35.51
CA LYS C 13 25.21 -7.22 36.08
C LYS C 13 24.95 -6.17 37.16
N PRO C 14 23.69 -5.79 37.37
CA PRO C 14 23.38 -4.84 38.44
C PRO C 14 23.83 -5.34 39.79
N GLY C 15 24.26 -4.41 40.64
CA GLY C 15 24.84 -4.76 41.92
C GLY C 15 26.27 -5.24 41.87
N GLY C 16 26.84 -5.42 40.67
CA GLY C 16 28.19 -5.90 40.53
C GLY C 16 29.22 -4.79 40.62
N SER C 17 30.45 -5.13 40.25
CA SER C 17 31.57 -4.21 40.34
C SER C 17 32.36 -4.22 39.05
N LEU C 18 33.03 -3.10 38.77
CA LEU C 18 33.81 -2.96 37.56
C LEU C 18 34.82 -1.85 37.77
N ARG C 19 36.04 -2.06 37.29
CA ARG C 19 37.12 -1.08 37.43
C ARG C 19 37.57 -0.63 36.06
N LEU C 20 37.57 0.68 35.84
CA LEU C 20 38.02 1.27 34.59
C LEU C 20 39.45 1.77 34.76
N SER C 21 40.18 1.79 33.64
CA SER C 21 41.56 2.27 33.65
C SER C 21 41.76 3.30 32.54
N CYS C 22 42.64 4.26 32.80
CA CYS C 22 43.01 5.29 31.84
C CYS C 22 44.52 5.40 31.82
N ALA C 23 45.14 4.97 30.72
CA ALA C 23 46.59 5.02 30.55
C ALA C 23 46.96 6.29 29.81
N ALA C 24 47.78 7.13 30.43
CA ALA C 24 48.15 8.43 29.89
C ALA C 24 49.59 8.43 29.40
N SER C 25 49.87 9.30 28.42
CA SER C 25 51.21 9.48 27.91
C SER C 25 51.33 10.87 27.28
N GLY C 26 52.57 11.32 27.09
CA GLY C 26 52.83 12.59 26.46
C GLY C 26 52.77 13.78 27.39
N PHE C 27 52.70 13.56 28.70
CA PHE C 27 52.76 14.64 29.67
C PHE C 27 53.18 14.03 31.01
N THR C 28 53.57 14.89 31.93
CA THR C 28 54.03 14.44 33.25
C THR C 28 52.79 14.07 34.07
N PHE C 29 52.51 12.77 34.11
CA PHE C 29 51.28 12.29 34.74
C PHE C 29 51.26 12.62 36.23
N SER C 30 52.40 12.47 36.92
CA SER C 30 52.46 12.64 38.36
C SER C 30 52.08 14.04 38.80
N ASN C 31 52.21 15.04 37.93
CA ASN C 31 51.88 16.42 38.29
C ASN C 31 50.46 16.82 37.96
N ALA C 32 49.72 15.98 37.25
CA ALA C 32 48.42 16.35 36.71
C ALA C 32 47.31 15.90 37.65
N TRP C 33 46.32 16.76 37.84
CA TRP C 33 45.05 16.36 38.42
C TRP C 33 44.19 15.74 37.33
N MET C 34 43.55 14.62 37.65
CA MET C 34 42.80 13.84 36.67
C MET C 34 41.36 13.72 37.14
N SER C 35 40.44 13.55 36.17
CA SER C 35 39.02 13.51 36.47
C SER C 35 38.33 12.46 35.61
N TRP C 36 37.13 12.08 36.03
CA TRP C 36 36.25 11.20 35.28
C TRP C 36 34.93 11.91 35.00
N VAL C 37 34.44 11.76 33.77
CA VAL C 37 33.18 12.33 33.31
C VAL C 37 32.41 11.24 32.58
N ARG C 38 31.09 11.20 32.77
CA ARG C 38 30.27 10.18 32.12
C ARG C 38 29.16 10.82 31.33
N GLN C 39 28.54 10.01 30.47
CA GLN C 39 27.47 10.48 29.59
C GLN C 39 26.57 9.29 29.27
N ALA C 40 25.36 9.28 29.83
CA ALA C 40 24.41 8.23 29.50
C ALA C 40 24.03 8.31 28.03
N PRO C 41 23.63 7.19 27.41
CA PRO C 41 23.28 7.22 25.99
C PRO C 41 22.21 8.24 25.69
N GLY C 42 22.54 9.17 24.78
CA GLY C 42 21.59 10.19 24.38
C GLY C 42 21.37 11.30 25.39
N LYS C 43 22.22 11.42 26.39
CA LYS C 43 22.05 12.41 27.45
C LYS C 43 23.30 13.29 27.52
N GLY C 44 23.35 14.15 28.53
CA GLY C 44 24.39 15.15 28.64
C GLY C 44 25.57 14.70 29.46
N LEU C 45 26.60 15.54 29.48
CA LEU C 45 27.81 15.25 30.22
C LEU C 45 27.58 15.48 31.71
N GLU C 46 28.19 14.63 32.53
CA GLU C 46 28.05 14.69 33.97
C GLU C 46 29.40 14.41 34.62
N TRP C 47 29.88 15.36 35.43
CA TRP C 47 31.14 15.19 36.14
C TRP C 47 31.00 14.11 37.20
N VAL C 48 31.98 13.21 37.27
CA VAL C 48 31.95 12.07 38.17
C VAL C 48 32.85 12.28 39.38
N GLY C 49 34.13 12.59 39.15
CA GLY C 49 35.05 12.79 40.26
C GLY C 49 36.42 13.24 39.77
N ARG C 50 37.28 13.54 40.75
CA ARG C 50 38.61 14.07 40.51
C ARG C 50 39.58 13.45 41.50
N ILE C 51 40.86 13.36 41.10
CA ILE C 51 41.93 12.97 42.01
C ILE C 51 43.07 13.97 41.86
N LYS C 52 43.63 14.41 42.99
CA LYS C 52 44.74 15.35 42.95
C LYS C 52 46.06 14.60 42.79
N SER C 53 47.10 15.36 42.46
CA SER C 53 48.43 14.80 42.40
C SER C 53 48.95 14.51 43.81
N LYS C 54 50.05 13.77 43.87
CA LYS C 54 50.59 13.35 45.17
C LYS C 54 51.07 14.55 45.98
N THR C 55 51.75 15.49 45.33
CA THR C 55 52.24 16.67 46.03
C THR C 55 51.12 17.55 46.58
N ASP C 56 49.89 17.37 46.10
CA ASP C 56 48.74 18.09 46.64
C ASP C 56 47.85 17.18 47.49
N GLY C 57 48.38 16.06 47.97
CA GLY C 57 47.69 15.17 48.87
C GLY C 57 47.18 13.90 48.22
N GLY C 58 46.94 13.92 46.91
CA GLY C 58 46.45 12.74 46.21
C GLY C 58 45.06 12.30 46.57
N THR C 59 44.28 13.17 47.21
CA THR C 59 42.94 12.83 47.65
C THR C 59 41.94 13.01 46.52
N THR C 60 40.71 12.51 46.74
CA THR C 60 39.69 12.48 45.72
C THR C 60 38.43 13.19 46.17
N ASP C 61 37.61 13.55 45.19
CA ASP C 61 36.25 14.02 45.40
C ASP C 61 35.38 13.39 44.32
N CYS C 62 34.11 13.15 44.65
CA CYS C 62 33.18 12.49 43.74
C CYS C 62 31.81 13.15 43.82
N ALA C 63 31.06 13.04 42.73
CA ALA C 63 29.71 13.55 42.67
C ALA C 63 28.81 12.82 43.67
N ALA C 64 27.85 13.56 44.23
CA ALA C 64 27.01 13.01 45.29
C ALA C 64 26.25 11.74 44.92
N PRO C 65 25.69 11.59 43.72
CA PRO C 65 25.00 10.33 43.39
C PRO C 65 25.90 9.09 43.41
N VAL C 66 27.21 9.25 43.30
CA VAL C 66 28.11 8.09 43.27
C VAL C 66 29.09 8.07 44.43
N LYS C 67 29.18 9.13 45.23
CA LYS C 67 30.05 9.07 46.41
C LYS C 67 29.56 7.96 47.35
N GLY C 68 30.50 7.21 47.90
CA GLY C 68 30.16 6.05 48.68
C GLY C 68 29.84 4.82 47.87
N ARG C 69 29.99 4.87 46.55
CA ARG C 69 29.89 3.68 45.71
C ARG C 69 31.12 3.57 44.81
N PHE C 70 31.64 4.72 44.39
CA PHE C 70 32.77 4.76 43.49
C PHE C 70 34.04 5.15 44.23
N THR C 71 35.18 4.73 43.68
CA THR C 71 36.49 5.05 44.22
C THR C 71 37.41 5.40 43.08
N ILE C 72 38.15 6.49 43.22
CA ILE C 72 39.14 6.92 42.24
C ILE C 72 40.53 6.69 42.83
N SER C 73 41.42 6.15 42.02
CA SER C 73 42.81 5.94 42.43
C SER C 73 43.71 6.19 41.22
N ARG C 74 45.00 6.32 41.50
CA ARG C 74 46.00 6.53 40.46
C ARG C 74 47.25 5.73 40.82
N ASP C 75 48.01 5.34 39.80
CA ASP C 75 49.28 4.66 39.97
C ASP C 75 50.29 5.42 39.12
N ASP C 76 51.05 6.32 39.77
CA ASP C 76 51.96 7.17 39.02
C ASP C 76 53.08 6.39 38.35
N SER C 77 53.45 5.23 38.93
CA SER C 77 54.46 4.40 38.29
C SER C 77 53.96 3.81 36.97
N LYS C 78 52.65 3.57 36.85
CA LYS C 78 52.06 3.08 35.62
C LYS C 78 51.44 4.19 34.78
N ASN C 79 51.46 5.44 35.26
CA ASN C 79 50.82 6.57 34.57
C ASN C 79 49.37 6.25 34.24
N THR C 80 48.68 5.61 35.19
CA THR C 80 47.33 5.12 34.96
C THR C 80 46.38 5.69 36.00
N LEU C 81 45.20 6.08 35.53
CA LEU C 81 44.10 6.52 36.39
C LEU C 81 43.02 5.44 36.41
N TYR C 82 42.44 5.20 37.59
CA TYR C 82 41.46 4.15 37.78
C TYR C 82 40.15 4.71 38.31
N LEU C 83 39.05 4.04 37.96
CA LEU C 83 37.73 4.31 38.52
C LEU C 83 37.14 2.97 38.93
N GLN C 84 37.02 2.75 40.23
CA GLN C 84 36.46 1.52 40.77
C GLN C 84 34.98 1.71 41.05
N MET C 85 34.14 0.87 40.45
CA MET C 85 32.70 0.95 40.61
C MET C 85 32.21 -0.22 41.45
N ASN C 86 31.27 0.06 42.35
CA ASN C 86 30.68 -0.94 43.22
C ASN C 86 29.18 -0.73 43.28
N SER C 87 28.46 -1.83 43.46
CA SER C 87 26.99 -1.79 43.59
C SER C 87 26.37 -1.03 42.41
N LEU C 88 26.77 -1.43 41.20
CA LEU C 88 26.37 -0.71 40.01
C LEU C 88 24.87 -0.80 39.79
N LYS C 89 24.29 0.28 39.28
CA LYS C 89 22.88 0.36 38.98
C LYS C 89 22.69 0.64 37.50
N THR C 90 21.49 0.33 37.00
CA THR C 90 21.19 0.57 35.60
C THR C 90 21.45 2.02 35.21
N GLU C 91 21.21 2.96 36.13
CA GLU C 91 21.44 4.37 35.84
C GLU C 91 22.93 4.72 35.76
N ASP C 92 23.83 3.78 36.02
CA ASP C 92 25.25 4.01 35.80
C ASP C 92 25.67 3.70 34.37
N THR C 93 24.79 3.13 33.56
CA THR C 93 25.11 2.86 32.17
C THR C 93 25.44 4.16 31.47
N ALA C 94 26.64 4.24 30.90
CA ALA C 94 27.12 5.47 30.29
C ALA C 94 28.46 5.21 29.64
N VAL C 95 28.84 6.13 28.75
CA VAL C 95 30.23 6.23 28.32
C VAL C 95 30.99 7.02 29.36
N TYR C 96 32.13 6.48 29.81
CA TYR C 96 32.94 7.11 30.83
C TYR C 96 34.20 7.67 30.19
N TYR C 97 34.47 8.95 30.42
CA TYR C 97 35.61 9.65 29.85
C TYR C 97 36.63 9.97 30.92
N CYS C 98 37.90 9.81 30.58
CA CYS C 98 39.04 10.20 31.38
C CYS C 98 39.51 11.58 30.91
N THR C 99 39.73 12.50 31.85
CA THR C 99 40.12 13.86 31.48
C THR C 99 41.27 14.35 32.34
N ARG C 100 42.02 15.30 31.79
CA ARG C 100 43.07 16.01 32.52
C ARG C 100 42.64 17.45 32.73
N SER C 101 42.72 17.91 33.97
CA SER C 101 42.32 19.27 34.29
C SER C 101 43.44 20.26 33.96
N ALA C 102 43.07 21.52 33.80
CA ALA C 102 44.04 22.53 33.44
C ALA C 102 44.89 22.93 34.64
N GLU C 103 46.08 23.45 34.36
CA GLU C 103 47.05 23.81 35.38
C GLU C 103 47.10 25.32 35.54
N PHE C 104 47.02 25.78 36.79
CA PHE C 104 47.04 27.20 37.13
C PHE C 104 48.08 27.41 38.22
N TYR C 105 48.92 28.41 38.05
CA TYR C 105 49.97 28.71 39.02
C TYR C 105 49.49 29.80 39.95
N ASP C 106 49.49 29.50 41.26
CA ASP C 106 49.04 30.43 42.28
C ASP C 106 50.25 31.26 42.73
N PHE C 107 50.30 32.52 42.31
CA PHE C 107 51.46 33.36 42.58
C PHE C 107 51.71 33.51 44.08
N TRP C 108 50.66 33.82 44.84
CA TRP C 108 50.87 34.11 46.27
C TRP C 108 51.23 32.86 47.06
N SER C 109 50.65 31.72 46.72
CA SER C 109 50.91 30.50 47.50
C SER C 109 52.12 29.72 47.01
N GLY C 110 52.51 29.91 45.74
CA GLY C 110 53.61 29.15 45.17
C GLY C 110 53.27 27.74 44.76
N TYR C 111 52.02 27.32 44.89
CA TYR C 111 51.59 25.99 44.50
C TYR C 111 50.86 26.02 43.17
N TYR C 112 50.95 24.91 42.43
CA TYR C 112 50.07 24.73 41.28
C TYR C 112 48.72 24.20 41.74
N THR C 113 47.72 24.43 40.89
CA THR C 113 46.39 23.94 41.17
C THR C 113 45.75 23.50 39.85
N GLY C 114 44.75 22.64 39.98
CA GLY C 114 43.99 22.15 38.83
C GLY C 114 42.68 22.88 38.71
N LEU C 115 42.41 23.39 37.52
CA LEU C 115 41.13 23.98 37.17
C LEU C 115 40.33 22.96 36.36
N GLU C 116 39.07 22.77 36.73
CA GLU C 116 38.30 21.62 36.26
C GLU C 116 37.59 21.87 34.92
N TYR C 117 38.25 22.51 33.96
CA TYR C 117 37.85 22.43 32.56
C TYR C 117 38.87 21.57 31.82
N PHE C 118 38.42 20.92 30.74
CA PHE C 118 39.14 19.77 30.17
C PHE C 118 39.46 20.01 28.70
N GLN C 119 40.74 20.22 28.41
CA GLN C 119 41.18 20.31 27.03
C GLN C 119 41.35 18.93 26.41
N HIS C 120 41.86 17.97 27.17
CA HIS C 120 42.22 16.66 26.66
C HIS C 120 41.31 15.58 27.25
N TRP C 121 40.65 14.82 26.39
CA TRP C 121 39.72 13.78 26.77
C TRP C 121 40.21 12.44 26.25
N GLY C 122 39.91 11.38 27.00
CA GLY C 122 40.09 10.04 26.49
C GLY C 122 39.10 9.76 25.36
N GLN C 123 39.21 8.55 24.81
CA GLN C 123 38.26 8.16 23.77
C GLN C 123 36.93 7.70 24.34
N GLY C 124 36.84 7.52 25.64
CA GLY C 124 35.60 7.07 26.26
C GLY C 124 35.49 5.57 26.24
N THR C 125 34.88 5.00 27.29
CA THR C 125 34.65 3.57 27.35
C THR C 125 33.24 3.34 27.87
N LEU C 126 32.51 2.45 27.21
CA LEU C 126 31.10 2.22 27.51
C LEU C 126 30.95 1.17 28.60
N VAL C 127 30.21 1.51 29.65
CA VAL C 127 29.82 0.57 30.69
C VAL C 127 28.33 0.32 30.56
N THR C 128 27.96 -0.96 30.46
CA THR C 128 26.56 -1.37 30.33
C THR C 128 26.17 -2.17 31.56
N VAL C 129 25.22 -1.66 32.33
CA VAL C 129 24.70 -2.34 33.50
C VAL C 129 23.38 -2.98 33.12
N SER C 130 23.39 -4.30 32.95
CA SER C 130 22.20 -5.04 32.54
C SER C 130 22.32 -6.48 32.99
N SER C 131 21.16 -7.10 33.22
CA SER C 131 21.13 -8.52 33.52
C SER C 131 21.20 -9.39 32.28
N ALA C 132 21.01 -8.80 31.10
CA ALA C 132 21.14 -9.54 29.85
C ALA C 132 22.59 -10.00 29.65
N SER C 133 22.77 -10.94 28.73
CA SER C 133 24.07 -11.53 28.48
C SER C 133 24.55 -11.18 27.08
N THR C 134 25.85 -11.35 26.88
CA THR C 134 26.50 -11.01 25.62
C THR C 134 26.00 -11.90 24.49
N LYS C 135 25.75 -11.28 23.34
CA LYS C 135 25.30 -12.02 22.16
C LYS C 135 25.87 -11.36 20.91
N GLY C 136 26.48 -12.17 20.05
CA GLY C 136 27.04 -11.69 18.81
C GLY C 136 25.98 -11.51 17.74
N PRO C 137 26.26 -10.65 16.76
CA PRO C 137 25.25 -10.31 15.76
C PRO C 137 25.16 -11.35 14.66
N SER C 138 23.99 -11.36 14.02
CA SER C 138 23.79 -12.05 12.76
C SER C 138 23.78 -11.00 11.65
N VAL C 139 24.58 -11.21 10.61
CA VAL C 139 24.76 -10.22 9.55
C VAL C 139 24.12 -10.76 8.28
N PHE C 140 23.15 -10.01 7.74
CA PHE C 140 22.43 -10.44 6.56
C PHE C 140 22.58 -9.42 5.43
N PRO C 141 22.71 -9.87 4.19
CA PRO C 141 22.88 -8.92 3.08
C PRO C 141 21.59 -8.21 2.73
N LEU C 142 21.73 -6.96 2.32
CA LEU C 142 20.67 -6.18 1.69
C LEU C 142 21.08 -6.04 0.23
N ALA C 143 20.63 -6.99 -0.59
CA ALA C 143 21.14 -7.11 -1.95
C ALA C 143 20.62 -5.98 -2.83
N PRO C 144 21.46 -5.39 -3.68
CA PRO C 144 20.97 -4.39 -4.63
C PRO C 144 20.15 -5.05 -5.72
N SER C 145 19.14 -4.31 -6.19
CA SER C 145 18.24 -4.80 -7.23
C SER C 145 17.59 -3.60 -7.90
N SER C 146 16.70 -3.88 -8.84
CA SER C 146 15.94 -2.81 -9.48
C SER C 146 15.09 -2.05 -8.47
N LYS C 147 14.73 -2.69 -7.36
CA LYS C 147 13.99 -2.03 -6.30
C LYS C 147 14.85 -1.10 -5.44
N SER C 148 16.17 -1.07 -5.66
CA SER C 148 17.05 -0.16 -4.92
C SER C 148 17.93 0.66 -5.87
N THR C 149 17.53 0.78 -7.13
CA THR C 149 18.29 1.49 -8.14
C THR C 149 17.56 2.77 -8.55
N SER C 150 18.31 3.84 -8.78
CA SER C 150 17.72 5.08 -9.30
C SER C 150 18.83 5.89 -9.94
N GLY C 151 18.68 6.22 -11.23
CA GLY C 151 19.59 7.10 -11.92
C GLY C 151 21.03 6.65 -11.90
N GLY C 152 21.35 5.56 -12.59
CA GLY C 152 22.71 5.06 -12.66
C GLY C 152 23.33 4.74 -11.32
N THR C 153 22.53 4.48 -10.31
CA THR C 153 23.00 4.38 -8.94
C THR C 153 22.20 3.31 -8.21
N ALA C 154 22.89 2.45 -7.47
CA ALA C 154 22.24 1.35 -6.75
C ALA C 154 22.62 1.39 -5.28
N ALA C 155 21.64 1.08 -4.43
CA ALA C 155 21.86 1.01 -2.99
C ALA C 155 21.97 -0.45 -2.55
N LEU C 156 22.90 -0.71 -1.64
CA LEU C 156 23.07 -2.02 -1.04
C LEU C 156 23.48 -1.83 0.41
N GLY C 157 23.47 -2.91 1.18
CA GLY C 157 23.87 -2.79 2.56
C GLY C 157 23.93 -4.11 3.28
N CYS C 158 24.09 -4.01 4.60
CA CYS C 158 24.10 -5.16 5.50
C CYS C 158 23.21 -4.85 6.70
N LEU C 159 22.48 -5.87 7.14
CA LEU C 159 21.63 -5.81 8.31
C LEU C 159 22.33 -6.52 9.47
N VAL C 160 22.63 -5.78 10.52
CA VAL C 160 23.30 -6.31 11.71
C VAL C 160 22.24 -6.48 12.79
N LYS C 161 21.86 -7.73 13.09
CA LYS C 161 20.69 -8.02 13.90
C LYS C 161 21.03 -8.72 15.21
N ASP C 162 20.33 -8.32 16.27
CA ASP C 162 20.23 -9.06 17.53
C ASP C 162 21.61 -9.28 18.16
N TYR C 163 22.20 -8.18 18.59
CA TYR C 163 23.46 -8.22 19.29
C TYR C 163 23.34 -7.45 20.60
N PHE C 164 24.21 -7.80 21.56
CA PHE C 164 24.22 -7.14 22.85
C PHE C 164 25.59 -7.37 23.49
N PRO C 165 26.15 -6.37 24.16
CA PRO C 165 25.70 -4.98 24.25
C PRO C 165 26.25 -4.19 23.07
N GLU C 166 26.07 -2.87 23.06
CA GLU C 166 26.79 -2.00 22.16
C GLU C 166 28.27 -2.00 22.53
N PRO C 167 29.16 -1.63 21.59
CA PRO C 167 28.89 -1.17 20.23
C PRO C 167 29.27 -2.18 19.14
N VAL C 168 28.87 -1.91 17.92
CA VAL C 168 29.36 -2.63 16.75
C VAL C 168 29.87 -1.58 15.77
N THR C 169 30.88 -1.94 14.99
CA THR C 169 31.43 -1.08 13.96
C THR C 169 31.29 -1.76 12.60
N VAL C 170 30.99 -0.97 11.58
CA VAL C 170 30.82 -1.47 10.22
C VAL C 170 31.67 -0.64 9.27
N SER C 171 32.51 -1.31 8.49
CA SER C 171 33.21 -0.69 7.38
C SER C 171 32.89 -1.48 6.11
N TRP C 172 33.23 -0.89 4.97
CA TRP C 172 33.00 -1.53 3.68
C TRP C 172 34.32 -1.72 2.95
N ASN C 173 34.53 -2.93 2.45
CA ASN C 173 35.73 -3.29 1.72
C ASN C 173 36.98 -2.91 2.52
N SER C 174 36.98 -3.28 3.80
CA SER C 174 38.12 -3.07 4.69
C SER C 174 38.47 -1.58 4.80
N GLY C 175 37.45 -0.73 4.80
CA GLY C 175 37.63 0.69 4.96
C GLY C 175 37.95 1.45 3.68
N ALA C 176 38.11 0.76 2.55
CA ALA C 176 38.40 1.46 1.31
C ALA C 176 37.19 2.27 0.82
N LEU C 177 35.99 1.72 0.96
CA LEU C 177 34.79 2.38 0.49
C LEU C 177 34.17 3.18 1.63
N THR C 178 34.17 4.50 1.51
CA THR C 178 33.70 5.39 2.57
C THR C 178 32.65 6.38 2.06
N SER C 179 32.70 6.72 0.78
CA SER C 179 31.77 7.70 0.23
C SER C 179 30.38 7.10 0.05
N GLY C 180 29.37 7.84 0.46
CA GLY C 180 28.00 7.38 0.32
C GLY C 180 27.56 6.34 1.32
N VAL C 181 28.32 6.14 2.38
CA VAL C 181 28.03 5.13 3.39
C VAL C 181 27.14 5.74 4.46
N HIS C 182 26.11 5.01 4.88
CA HIS C 182 25.24 5.41 5.97
C HIS C 182 25.09 4.23 6.93
N THR C 183 25.75 4.32 8.08
CA THR C 183 25.60 3.35 9.16
C THR C 183 24.65 3.94 10.19
N PHE C 184 23.46 3.35 10.31
CA PHE C 184 22.42 3.91 11.15
C PHE C 184 22.69 3.63 12.63
N PRO C 185 22.24 4.51 13.53
CA PRO C 185 22.37 4.23 14.96
C PRO C 185 21.60 2.97 15.31
N ALA C 186 22.15 2.24 16.28
CA ALA C 186 21.49 1.03 16.73
C ALA C 186 20.18 1.36 17.44
N VAL C 187 19.23 0.44 17.35
CA VAL C 187 17.92 0.60 17.97
C VAL C 187 17.72 -0.57 18.93
N LEU C 188 17.39 -0.26 20.18
CA LEU C 188 17.16 -1.27 21.20
C LEU C 188 15.79 -1.90 21.01
N GLN C 189 15.75 -3.20 20.75
CA GLN C 189 14.48 -3.90 20.63
C GLN C 189 13.88 -4.17 22.01
N SER C 190 12.60 -4.54 22.01
CA SER C 190 11.96 -4.94 23.26
C SER C 190 12.52 -6.25 23.80
N SER C 191 13.12 -7.07 22.93
CA SER C 191 13.81 -8.28 23.37
C SER C 191 15.05 -7.97 24.19
N GLY C 192 15.51 -6.72 24.20
CA GLY C 192 16.74 -6.35 24.87
C GLY C 192 17.97 -6.36 23.99
N LEU C 193 17.86 -6.79 22.75
CA LEU C 193 18.97 -6.83 21.82
C LEU C 193 18.92 -5.62 20.88
N TYR C 194 20.06 -5.31 20.28
CA TYR C 194 20.20 -4.21 19.35
C TYR C 194 20.23 -4.71 17.91
N SER C 195 19.83 -3.84 16.98
CA SER C 195 19.92 -4.11 15.56
C SER C 195 20.23 -2.81 14.84
N LEU C 196 20.96 -2.92 13.73
CA LEU C 196 21.21 -1.76 12.89
C LEU C 196 21.51 -2.23 11.48
N SER C 197 21.43 -1.29 10.54
CA SER C 197 21.83 -1.50 9.16
C SER C 197 22.91 -0.51 8.78
N SER C 198 23.71 -0.90 7.79
CA SER C 198 24.65 0.00 7.13
C SER C 198 24.44 -0.13 5.63
N VAL C 199 24.21 0.99 4.95
CA VAL C 199 23.97 0.98 3.52
C VAL C 199 24.99 1.88 2.84
N VAL C 200 25.16 1.65 1.53
CA VAL C 200 26.06 2.45 0.72
C VAL C 200 25.49 2.52 -0.69
N THR C 201 25.61 3.69 -1.30
CA THR C 201 25.18 3.91 -2.67
C THR C 201 26.39 3.83 -3.60
N VAL C 202 26.27 3.03 -4.65
CA VAL C 202 27.38 2.80 -5.57
C VAL C 202 26.86 2.91 -7.00
N PRO C 203 27.74 3.18 -7.97
CA PRO C 203 27.30 3.21 -9.37
C PRO C 203 26.82 1.84 -9.82
N SER C 204 25.68 1.82 -10.51
CA SER C 204 25.12 0.54 -10.95
C SER C 204 26.03 -0.13 -11.98
N SER C 205 26.84 0.64 -12.69
CA SER C 205 27.77 0.07 -13.66
C SER C 205 28.82 -0.81 -13.01
N SER C 206 29.11 -0.60 -11.73
CA SER C 206 30.13 -1.37 -11.03
C SER C 206 29.61 -2.69 -10.47
N LEU C 207 28.31 -2.87 -10.38
CA LEU C 207 27.77 -4.16 -9.98
C LEU C 207 28.17 -5.21 -11.00
N GLY C 208 28.60 -6.37 -10.51
CA GLY C 208 29.06 -7.43 -11.38
C GLY C 208 30.53 -7.40 -11.69
N THR C 209 31.23 -6.33 -11.33
CA THR C 209 32.68 -6.27 -11.45
C THR C 209 33.38 -5.92 -10.14
N GLN C 210 32.74 -5.13 -9.28
CA GLN C 210 33.33 -4.74 -8.00
C GLN C 210 32.67 -5.52 -6.86
N THR C 211 33.49 -6.19 -6.06
CA THR C 211 32.99 -6.91 -4.90
C THR C 211 32.75 -5.93 -3.74
N TYR C 212 31.63 -6.12 -3.04
CA TYR C 212 31.27 -5.29 -1.90
C TYR C 212 31.11 -6.20 -0.68
N ILE C 213 31.98 -6.03 0.30
CA ILE C 213 31.94 -6.78 1.55
C ILE C 213 31.77 -5.81 2.70
N CYS C 214 30.81 -6.10 3.58
CA CYS C 214 30.67 -5.34 4.81
C CYS C 214 31.44 -6.04 5.92
N ASN C 215 32.31 -5.30 6.59
CA ASN C 215 33.13 -5.83 7.68
C ASN C 215 32.50 -5.40 8.99
N VAL C 216 31.96 -6.36 9.73
CA VAL C 216 31.27 -6.11 10.98
C VAL C 216 32.15 -6.61 12.12
N ASN C 217 32.38 -5.75 13.10
CA ASN C 217 33.19 -6.10 14.27
C ASN C 217 32.38 -5.78 15.52
N HIS C 218 31.98 -6.82 16.25
CA HIS C 218 31.32 -6.67 17.54
C HIS C 218 32.34 -7.09 18.60
N LYS C 219 33.13 -6.14 19.05
CA LYS C 219 34.19 -6.44 20.02
C LYS C 219 33.69 -6.98 21.35
N PRO C 220 32.52 -6.59 21.89
CA PRO C 220 32.06 -7.23 23.15
C PRO C 220 31.95 -8.74 23.08
N SER C 221 31.59 -9.31 21.93
CA SER C 221 31.57 -10.76 21.77
C SER C 221 32.77 -11.29 21.00
N ASN C 222 33.69 -10.41 20.61
CA ASN C 222 34.88 -10.78 19.85
C ASN C 222 34.51 -11.43 18.51
N THR C 223 33.48 -10.88 17.86
CA THR C 223 32.97 -11.44 16.61
C THR C 223 33.32 -10.51 15.45
N LYS C 224 33.95 -11.06 14.42
CA LYS C 224 34.23 -10.35 13.19
C LYS C 224 33.59 -11.10 12.03
N VAL C 225 32.74 -10.41 11.27
CA VAL C 225 32.03 -10.99 10.14
C VAL C 225 32.34 -10.17 8.90
N ASP C 226 32.66 -10.86 7.81
CA ASP C 226 32.84 -10.25 6.50
C ASP C 226 31.82 -10.88 5.57
N LYS C 227 30.74 -10.16 5.28
CA LYS C 227 29.65 -10.68 4.46
C LYS C 227 29.69 -10.03 3.08
N ARG C 228 29.89 -10.86 2.06
CA ARG C 228 29.82 -10.37 0.69
C ARG C 228 28.36 -10.17 0.29
N VAL C 229 28.09 -9.05 -0.37
CA VAL C 229 26.74 -8.70 -0.81
C VAL C 229 26.69 -8.86 -2.32
N GLU C 230 26.00 -9.91 -2.78
CA GLU C 230 25.89 -10.21 -4.21
C GLU C 230 24.72 -9.46 -4.82
N PRO C 231 24.87 -8.97 -6.06
CA PRO C 231 23.77 -8.25 -6.70
C PRO C 231 22.72 -9.20 -7.26
N LYS C 232 21.51 -8.67 -7.41
CA LYS C 232 20.41 -9.36 -8.05
C LYS C 232 20.26 -8.85 -9.48
N SER C 233 20.14 -9.76 -10.44
CA SER C 233 20.06 -9.39 -11.85
C SER C 233 18.60 -9.30 -12.27
N CYS C 234 17.98 -8.17 -11.93
CA CYS C 234 16.65 -7.84 -12.43
C CYS C 234 16.34 -6.37 -12.18
N ASP D 1 24.43 23.55 45.69
CA ASP D 1 25.25 23.41 44.49
C ASP D 1 24.80 24.36 43.39
N ILE D 2 25.74 24.73 42.52
CA ILE D 2 25.43 25.59 41.38
C ILE D 2 24.70 24.77 40.32
N GLN D 3 23.61 25.32 39.79
CA GLN D 3 22.86 24.70 38.70
C GLN D 3 23.03 25.54 37.43
N MET D 4 23.14 24.87 36.29
CA MET D 4 23.34 25.52 35.01
C MET D 4 22.14 25.25 34.11
N THR D 5 21.45 26.31 33.73
CA THR D 5 20.28 26.22 32.85
C THR D 5 20.69 26.71 31.47
N GLN D 6 20.88 25.76 30.55
CA GLN D 6 21.31 26.06 29.19
C GLN D 6 20.10 26.09 28.27
N SER D 7 19.99 27.15 27.48
CA SER D 7 18.87 27.34 26.57
C SER D 7 19.38 27.85 25.24
N PRO D 8 18.74 27.45 24.13
CA PRO D 8 17.62 26.51 24.05
C PRO D 8 18.08 25.05 24.08
N ALA D 9 17.18 24.11 24.33
CA ALA D 9 17.56 22.70 24.30
C ALA D 9 17.88 22.25 22.89
N SER D 10 17.12 22.72 21.91
CA SER D 10 17.34 22.41 20.51
C SER D 10 17.40 23.71 19.71
N LEU D 11 18.22 23.70 18.66
CA LEU D 11 18.40 24.88 17.84
C LEU D 11 18.55 24.48 16.38
N SER D 12 17.75 25.11 15.52
CA SER D 12 17.84 24.93 14.07
C SER D 12 18.14 26.27 13.44
N ALA D 13 19.12 26.30 12.53
CA ALA D 13 19.58 27.58 11.98
C ALA D 13 20.18 27.39 10.59
N SER D 14 19.95 28.38 9.73
CA SER D 14 20.47 28.34 8.37
C SER D 14 21.96 28.66 8.35
N VAL D 15 22.63 28.24 7.27
CA VAL D 15 24.06 28.52 7.10
C VAL D 15 24.27 30.03 6.98
N GLY D 16 25.30 30.52 7.67
CA GLY D 16 25.64 31.92 7.63
C GLY D 16 25.05 32.77 8.73
N GLU D 17 24.06 32.25 9.45
CA GLU D 17 23.47 32.99 10.56
C GLU D 17 24.43 33.07 11.74
N THR D 18 24.13 33.98 12.66
CA THR D 18 24.81 34.07 13.94
C THR D 18 23.94 33.41 15.00
N VAL D 19 24.46 32.35 15.61
CA VAL D 19 23.72 31.56 16.59
C VAL D 19 24.15 31.94 17.99
N THR D 20 23.19 31.98 18.93
CA THR D 20 23.46 32.32 20.31
C THR D 20 22.92 31.23 21.22
N ILE D 21 23.78 30.68 22.07
CA ILE D 21 23.42 29.73 23.11
C ILE D 21 23.72 30.37 24.45
N THR D 22 22.78 30.28 25.38
CA THR D 22 22.90 30.97 26.66
C THR D 22 22.90 29.98 27.80
N CYS D 23 23.64 30.32 28.86
CA CYS D 23 23.61 29.57 30.12
C CYS D 23 23.38 30.54 31.26
N ARG D 24 22.45 30.20 32.14
CA ARG D 24 22.15 30.98 33.32
C ARG D 24 22.51 30.15 34.55
N ALA D 25 23.35 30.71 35.41
CA ALA D 25 23.80 30.01 36.60
C ALA D 25 22.90 30.37 37.78
N SER D 26 22.69 29.40 38.67
CA SER D 26 21.89 29.63 39.86
C SER D 26 22.55 30.61 40.83
N GLY D 27 23.79 31.01 40.56
CA GLY D 27 24.48 31.98 41.39
C GLY D 27 25.61 32.60 40.60
N ASN D 28 26.19 33.67 41.16
CA ASN D 28 27.32 34.33 40.54
C ASN D 28 28.51 33.40 40.48
N ILE D 29 28.93 33.01 39.26
CA ILE D 29 30.03 32.07 39.11
C ILE D 29 31.33 32.74 38.66
N HIS D 30 31.32 34.07 38.51
CA HIS D 30 32.52 34.89 38.30
C HIS D 30 33.39 34.38 37.14
N ASN D 31 32.77 34.33 35.96
CA ASN D 31 33.41 33.97 34.69
C ASN D 31 34.05 32.58 34.70
N TYR D 32 33.81 31.77 35.75
CA TYR D 32 34.39 30.43 35.81
C TYR D 32 33.54 29.44 35.01
N LEU D 33 33.46 29.69 33.71
CA LEU D 33 32.64 28.91 32.80
C LEU D 33 33.44 28.46 31.59
N ALA D 34 33.19 27.23 31.14
CA ALA D 34 33.78 26.72 29.91
C ALA D 34 32.67 26.29 28.95
N TRP D 35 33.00 26.29 27.66
CA TRP D 35 32.10 25.82 26.61
C TRP D 35 32.74 24.67 25.86
N TYR D 36 31.94 23.66 25.51
CA TYR D 36 32.42 22.49 24.79
C TYR D 36 31.55 22.22 23.57
N GLN D 37 32.17 21.61 22.56
CA GLN D 37 31.48 21.09 21.40
C GLN D 37 31.67 19.58 21.35
N GLN D 38 30.62 18.84 21.02
CA GLN D 38 30.71 17.39 20.86
C GLN D 38 30.02 16.99 19.57
N LYS D 39 30.81 16.52 18.60
CA LYS D 39 30.26 15.92 17.40
C LYS D 39 29.87 14.47 17.69
N GLN D 40 28.97 13.95 16.86
CA GLN D 40 28.42 12.61 17.08
C GLN D 40 29.53 11.57 17.02
N GLY D 41 29.52 10.65 18.00
CA GLY D 41 30.50 9.59 18.06
C GLY D 41 31.91 10.01 18.43
N LYS D 42 32.11 11.27 18.82
CA LYS D 42 33.41 11.79 19.20
C LYS D 42 33.37 12.35 20.62
N SER D 43 34.55 12.48 21.21
CA SER D 43 34.63 13.04 22.56
C SER D 43 34.53 14.57 22.50
N PRO D 44 34.06 15.19 23.58
CA PRO D 44 33.91 16.65 23.58
C PRO D 44 35.25 17.34 23.40
N GLN D 45 35.20 18.53 22.78
CA GLN D 45 36.36 19.37 22.60
C GLN D 45 36.10 20.73 23.22
N LEU D 46 37.08 21.23 23.97
CA LEU D 46 36.97 22.53 24.61
C LEU D 46 36.95 23.64 23.57
N LEU D 47 35.99 24.56 23.68
CA LEU D 47 35.92 25.74 22.83
C LEU D 47 36.40 27.00 23.54
N VAL D 48 35.90 27.24 24.75
CA VAL D 48 36.11 28.49 25.47
C VAL D 48 36.32 28.16 26.95
N TYR D 49 37.20 28.91 27.61
CA TYR D 49 37.31 28.86 29.06
C TYR D 49 37.41 30.27 29.60
N ASN D 50 37.19 30.40 30.91
CA ASN D 50 37.09 31.71 31.57
C ASN D 50 36.03 32.58 30.89
N ALA D 51 34.99 31.94 30.35
CA ALA D 51 33.82 32.59 29.77
C ALA D 51 34.13 33.32 28.46
N LYS D 52 35.37 33.77 28.24
CA LYS D 52 35.65 34.56 27.06
C LYS D 52 36.90 34.17 26.28
N THR D 53 37.71 33.24 26.75
CA THR D 53 39.00 32.94 26.12
C THR D 53 38.86 31.73 25.19
N LEU D 54 39.20 31.92 23.92
CA LEU D 54 39.17 30.83 22.96
C LEU D 54 40.29 29.84 23.24
N ALA D 55 39.97 28.55 23.20
CA ALA D 55 40.99 27.54 23.34
C ALA D 55 41.85 27.47 22.08
N ASP D 56 43.01 26.82 22.22
CA ASP D 56 43.95 26.69 21.11
C ASP D 56 43.29 26.01 19.92
N GLY D 57 43.49 26.58 18.74
CA GLY D 57 43.01 25.99 17.51
C GLY D 57 41.53 26.16 17.22
N VAL D 58 40.78 26.79 18.11
CA VAL D 58 39.34 26.97 17.88
C VAL D 58 39.16 28.11 16.87
N PRO D 59 38.32 27.92 15.84
CA PRO D 59 38.09 29.00 14.86
C PRO D 59 37.58 30.27 15.53
N SER D 60 37.99 31.41 14.98
CA SER D 60 37.66 32.71 15.55
C SER D 60 36.19 33.05 15.48
N ARG D 61 35.39 32.33 14.69
CA ARG D 61 33.96 32.63 14.63
C ARG D 61 33.21 32.19 15.90
N PHE D 62 33.88 31.50 16.81
CA PHE D 62 33.31 31.25 18.13
C PHE D 62 33.73 32.35 19.08
N SER D 63 32.83 32.72 20.00
CA SER D 63 33.17 33.69 21.03
C SER D 63 32.23 33.51 22.22
N GLY D 64 32.79 33.57 23.41
CA GLY D 64 32.02 33.50 24.64
C GLY D 64 31.98 34.86 25.31
N SER D 65 30.86 35.16 25.97
CA SER D 65 30.69 36.45 26.62
C SER D 65 29.83 36.26 27.86
N GLY D 66 29.75 37.32 28.65
CA GLY D 66 28.87 37.36 29.80
C GLY D 66 29.62 37.61 31.10
N SER D 67 28.85 37.66 32.17
CA SER D 67 29.37 37.87 33.51
C SER D 67 28.25 37.55 34.49
N GLY D 68 28.62 37.46 35.76
CA GLY D 68 27.65 37.20 36.81
C GLY D 68 26.98 35.85 36.69
N THR D 69 25.69 35.84 36.35
CA THR D 69 24.92 34.62 36.29
C THR D 69 24.54 34.18 34.88
N GLN D 70 24.72 35.04 33.87
CA GLN D 70 24.27 34.72 32.52
C GLN D 70 25.42 34.88 31.54
N TYR D 71 25.59 33.89 30.67
CA TYR D 71 26.71 33.81 29.73
C TYR D 71 26.18 33.33 28.39
N SER D 72 26.96 33.60 27.33
CA SER D 72 26.51 33.27 25.97
C SER D 72 27.67 32.78 25.13
N LEU D 73 27.39 31.77 24.30
CA LEU D 73 28.29 31.31 23.26
C LEU D 73 27.71 31.71 21.92
N LYS D 74 28.51 32.38 21.10
CA LYS D 74 28.08 32.88 19.81
C LYS D 74 28.88 32.20 18.70
N ILE D 75 28.17 31.75 17.67
CA ILE D 75 28.77 31.18 16.48
C ILE D 75 28.42 32.09 15.31
N ASN D 76 29.40 32.85 14.82
CA ASN D 76 29.18 33.69 13.65
C ASN D 76 29.35 32.87 12.38
N SER D 77 28.55 33.20 11.36
CA SER D 77 28.60 32.59 10.03
C SER D 77 28.58 31.07 10.13
N LEU D 78 27.43 30.57 10.59
CA LEU D 78 27.23 29.14 10.81
C LEU D 78 27.62 28.33 9.59
N GLN D 79 28.35 27.23 9.82
CA GLN D 79 28.82 26.32 8.79
C GLN D 79 28.17 24.94 8.99
N PRO D 80 27.94 24.20 7.91
CA PRO D 80 27.25 22.90 8.05
C PRO D 80 27.97 21.91 8.95
N GLU D 81 29.29 22.02 9.08
CA GLU D 81 30.01 21.12 9.97
C GLU D 81 29.84 21.49 11.45
N ASP D 82 29.17 22.60 11.75
CA ASP D 82 28.94 22.95 13.14
C ASP D 82 27.81 22.12 13.77
N VAL D 83 27.25 21.17 13.04
CA VAL D 83 26.17 20.35 13.58
C VAL D 83 26.71 19.48 14.71
N GLY D 84 25.94 19.39 15.78
CA GLY D 84 26.34 18.63 16.95
C GLY D 84 25.73 19.24 18.20
N SER D 85 26.33 18.91 19.33
CA SER D 85 25.85 19.39 20.62
C SER D 85 26.88 20.33 21.27
N TYR D 86 26.38 21.27 22.06
CA TYR D 86 27.20 22.24 22.76
C TYR D 86 26.83 22.25 24.23
N TYR D 87 27.84 22.41 25.09
CA TYR D 87 27.67 22.33 26.54
C TYR D 87 28.45 23.45 27.22
N CYS D 88 27.83 24.08 28.20
CA CYS D 88 28.55 24.95 29.12
C CYS D 88 28.88 24.17 30.38
N GLN D 89 29.84 24.68 31.16
CA GLN D 89 30.29 24.00 32.35
C GLN D 89 30.83 25.01 33.36
N TYR D 90 30.34 24.91 34.59
CA TYR D 90 30.94 25.64 35.71
C TYR D 90 32.12 24.84 36.24
N PHE D 91 33.26 25.49 36.49
CA PHE D 91 34.45 24.73 36.84
C PHE D 91 35.16 25.23 38.09
N TRP D 92 34.53 26.06 38.91
CA TRP D 92 35.24 26.58 40.09
C TRP D 92 35.21 25.60 41.26
N SER D 93 34.07 24.98 41.54
CA SER D 93 33.97 24.09 42.69
C SER D 93 33.01 22.95 42.39
N ILE D 94 33.03 21.96 43.28
CA ILE D 94 32.17 20.78 43.22
C ILE D 94 30.72 21.20 43.11
N PRO D 95 29.91 20.58 42.22
CA PRO D 95 30.21 19.43 41.37
C PRO D 95 30.55 19.78 39.93
N TYR D 96 31.05 21.00 39.66
CA TYR D 96 31.53 21.37 38.33
C TYR D 96 30.46 21.11 37.27
N THR D 97 29.29 21.70 37.49
CA THR D 97 28.07 21.30 36.80
C THR D 97 28.13 21.62 35.31
N PHE D 98 27.92 20.60 34.48
CA PHE D 98 27.70 20.81 33.06
C PHE D 98 26.27 21.25 32.81
N GLY D 99 26.08 22.14 31.84
CA GLY D 99 24.75 22.45 31.37
C GLY D 99 24.09 21.26 30.70
N GLY D 100 22.77 21.35 30.54
CA GLY D 100 22.02 20.26 29.94
C GLY D 100 22.35 20.00 28.48
N GLY D 101 22.93 20.98 27.80
CA GLY D 101 23.36 20.79 26.44
C GLY D 101 22.38 21.38 25.43
N THR D 102 22.91 21.81 24.30
CA THR D 102 22.10 22.29 23.18
C THR D 102 22.45 21.48 21.95
N LYS D 103 21.43 20.93 21.29
CA LYS D 103 21.59 20.19 20.05
C LYS D 103 21.33 21.13 18.88
N LEU D 104 22.32 21.29 18.00
CA LEU D 104 22.25 22.23 16.90
C LEU D 104 21.96 21.49 15.60
N GLU D 105 20.90 21.91 14.91
CA GLU D 105 20.55 21.40 13.59
C GLU D 105 20.75 22.51 12.55
N ILE D 106 21.16 22.11 11.35
CA ILE D 106 21.34 23.04 10.24
C ILE D 106 20.07 23.03 9.39
N LYS D 107 19.58 24.22 9.06
CA LYS D 107 18.40 24.36 8.22
C LYS D 107 18.83 24.57 6.78
N ARG D 108 18.21 23.82 5.86
CA ARG D 108 18.57 23.91 4.46
C ARG D 108 17.32 23.77 3.60
N THR D 109 17.51 23.82 2.28
CA THR D 109 16.40 23.68 1.35
C THR D 109 15.81 22.28 1.42
N VAL D 110 14.52 22.19 1.13
CA VAL D 110 13.84 20.91 1.18
C VAL D 110 14.43 19.97 0.14
N ALA D 111 14.62 18.71 0.54
CA ALA D 111 15.22 17.69 -0.32
C ALA D 111 14.44 16.40 -0.18
N ALA D 112 13.80 15.95 -1.25
CA ALA D 112 12.96 14.77 -1.20
C ALA D 112 13.82 13.52 -1.04
N PRO D 113 13.35 12.52 -0.30
CA PRO D 113 14.13 11.29 -0.15
C PRO D 113 14.05 10.39 -1.38
N SER D 114 15.13 9.65 -1.60
CA SER D 114 15.11 8.49 -2.48
C SER D 114 14.66 7.29 -1.65
N VAL D 115 13.67 6.56 -2.16
CA VAL D 115 13.10 5.44 -1.41
C VAL D 115 13.49 4.14 -2.10
N PHE D 116 14.06 3.22 -1.30
CA PHE D 116 14.47 1.89 -1.74
C PHE D 116 13.92 0.86 -0.77
N ILE D 117 13.73 -0.36 -1.26
CA ILE D 117 13.18 -1.44 -0.43
C ILE D 117 13.96 -2.72 -0.72
N PHE D 118 14.17 -3.51 0.33
CA PHE D 118 14.95 -4.75 0.25
C PHE D 118 14.13 -5.88 0.86
N PRO D 119 13.81 -6.92 0.09
CA PRO D 119 13.17 -8.11 0.70
C PRO D 119 14.13 -8.83 1.62
N PRO D 120 13.63 -9.72 2.49
CA PRO D 120 14.53 -10.42 3.40
C PRO D 120 15.47 -11.37 2.67
N SER D 121 16.62 -11.62 3.30
CA SER D 121 17.60 -12.55 2.76
C SER D 121 17.18 -13.99 2.99
N ASP D 122 17.65 -14.87 2.12
CA ASP D 122 17.35 -16.29 2.27
C ASP D 122 18.02 -16.88 3.51
N GLU D 123 19.15 -16.33 3.93
CA GLU D 123 19.79 -16.81 5.14
C GLU D 123 18.94 -16.54 6.37
N GLN D 124 18.34 -15.35 6.46
CA GLN D 124 17.50 -15.03 7.62
C GLN D 124 16.22 -15.87 7.61
N LEU D 125 15.64 -16.11 6.43
CA LEU D 125 14.45 -16.94 6.34
C LEU D 125 14.72 -18.35 6.87
N LYS D 126 15.92 -18.88 6.59
CA LYS D 126 16.30 -20.18 7.12
C LYS D 126 16.24 -20.20 8.64
N SER D 127 16.48 -19.07 9.29
CA SER D 127 16.45 -18.97 10.75
C SER D 127 15.05 -18.72 11.30
N GLY D 128 14.04 -18.55 10.45
CA GLY D 128 12.67 -18.44 10.90
C GLY D 128 12.12 -17.03 11.07
N THR D 129 12.84 -16.00 10.62
CA THR D 129 12.35 -14.63 10.68
C THR D 129 12.60 -13.93 9.35
N ALA D 130 11.86 -12.85 9.12
CA ALA D 130 11.94 -12.10 7.88
C ALA D 130 11.93 -10.61 8.20
N SER D 131 13.03 -9.93 7.87
CA SER D 131 13.12 -8.49 8.00
C SER D 131 13.07 -7.85 6.62
N VAL D 132 12.18 -6.89 6.45
CA VAL D 132 12.07 -6.08 5.24
C VAL D 132 12.52 -4.67 5.57
N VAL D 133 13.41 -4.11 4.76
CA VAL D 133 14.01 -2.81 5.04
C VAL D 133 13.57 -1.82 3.97
N CYS D 134 13.06 -0.68 4.42
CA CYS D 134 12.75 0.46 3.57
C CYS D 134 13.74 1.58 3.90
N LEU D 135 14.38 2.11 2.87
CA LEU D 135 15.46 3.09 3.04
C LEU D 135 15.08 4.41 2.39
N LEU D 136 15.10 5.48 3.19
CA LEU D 136 14.90 6.85 2.73
C LEU D 136 16.24 7.55 2.77
N ASN D 137 16.74 7.97 1.62
CA ASN D 137 18.12 8.42 1.49
C ASN D 137 18.19 9.92 1.20
N ASN D 138 18.97 10.64 2.03
CA ASN D 138 19.43 12.00 1.77
C ASN D 138 18.25 12.97 1.57
N PHE D 139 17.53 13.20 2.66
CA PHE D 139 16.36 14.06 2.63
C PHE D 139 16.43 15.13 3.71
N TYR D 140 15.64 16.18 3.53
CA TYR D 140 15.46 17.25 4.51
C TYR D 140 14.09 17.85 4.26
N PRO D 141 13.33 18.19 5.31
CA PRO D 141 13.64 18.11 6.75
C PRO D 141 13.54 16.69 7.33
N ARG D 142 13.78 16.57 8.63
CA ARG D 142 13.83 15.25 9.26
C ARG D 142 12.47 14.58 9.32
N GLU D 143 11.40 15.36 9.47
CA GLU D 143 10.08 14.78 9.67
C GLU D 143 9.68 13.95 8.46
N ALA D 144 9.41 12.68 8.71
CA ALA D 144 8.97 11.77 7.65
C ALA D 144 8.05 10.73 8.26
N LYS D 145 7.08 10.28 7.45
CA LYS D 145 6.16 9.24 7.85
C LYS D 145 6.38 8.03 6.96
N VAL D 146 6.57 6.86 7.57
CA VAL D 146 6.79 5.61 6.87
C VAL D 146 5.77 4.60 7.39
N GLN D 147 4.97 4.05 6.48
CA GLN D 147 3.95 3.08 6.84
C GLN D 147 4.15 1.78 6.07
N TRP D 148 4.00 0.67 6.78
CA TRP D 148 4.17 -0.66 6.20
C TRP D 148 2.80 -1.28 5.92
N LYS D 149 2.66 -1.86 4.73
CA LYS D 149 1.45 -2.57 4.33
C LYS D 149 1.84 -3.94 3.79
N VAL D 150 1.12 -4.98 4.22
CA VAL D 150 1.31 -6.34 3.76
C VAL D 150 -0.02 -6.82 3.22
N ASP D 151 -0.10 -6.99 1.89
CA ASP D 151 -1.37 -7.23 1.21
C ASP D 151 -2.39 -6.18 1.61
N ASN D 152 -1.94 -4.92 1.63
CA ASN D 152 -2.73 -3.73 1.91
C ASN D 152 -3.18 -3.61 3.35
N ALA D 153 -2.63 -4.41 4.26
CA ALA D 153 -2.96 -4.32 5.68
C ALA D 153 -1.85 -3.54 6.39
N LEU D 154 -2.22 -2.42 7.02
CA LEU D 154 -1.26 -1.61 7.76
C LEU D 154 -0.67 -2.40 8.92
N GLN D 155 0.65 -2.31 9.10
CA GLN D 155 1.36 -3.02 10.14
C GLN D 155 1.58 -2.12 11.35
N SER D 156 1.36 -2.67 12.53
CA SER D 156 1.56 -1.93 13.77
C SER D 156 2.25 -2.83 14.78
N GLY D 157 3.21 -2.27 15.49
CA GLY D 157 3.89 -3.00 16.55
C GLY D 157 4.91 -4.02 16.08
N ASN D 158 5.33 -3.96 14.81
CA ASN D 158 6.34 -4.89 14.34
C ASN D 158 7.38 -4.21 13.45
N SER D 159 7.52 -2.89 13.52
CA SER D 159 8.53 -2.18 12.75
C SER D 159 9.34 -1.27 13.67
N GLN D 160 10.53 -0.91 13.21
CA GLN D 160 11.46 -0.09 13.97
C GLN D 160 12.16 0.88 13.03
N GLU D 161 12.31 2.12 13.47
CA GLU D 161 12.88 3.20 12.67
C GLU D 161 14.21 3.66 13.25
N SER D 162 15.07 4.18 12.38
CA SER D 162 16.35 4.71 12.81
C SER D 162 16.78 5.79 11.82
N VAL D 163 17.18 6.94 12.34
CA VAL D 163 17.58 8.09 11.53
C VAL D 163 19.05 8.38 11.81
N THR D 164 19.81 8.64 10.75
CA THR D 164 21.17 9.10 10.92
C THR D 164 21.18 10.50 11.49
N GLU D 165 22.33 10.90 12.02
CA GLU D 165 22.51 12.29 12.37
C GLU D 165 22.72 13.11 11.10
N GLN D 166 22.45 14.41 11.20
CA GLN D 166 22.55 15.28 10.03
C GLN D 166 23.95 15.24 9.44
N ASP D 167 24.03 15.01 8.13
CA ASP D 167 25.33 14.94 7.47
C ASP D 167 26.08 16.26 7.61
N SER D 168 27.37 16.17 7.89
CA SER D 168 28.19 17.34 8.18
C SER D 168 28.55 18.16 6.94
N LYS D 169 28.15 17.72 5.75
CA LYS D 169 28.48 18.42 4.51
C LYS D 169 27.24 18.94 3.79
N ASP D 170 26.23 18.10 3.57
CA ASP D 170 25.02 18.49 2.87
C ASP D 170 23.82 18.63 3.79
N SER D 171 23.96 18.35 5.08
CA SER D 171 22.94 18.64 6.09
C SER D 171 21.66 17.85 5.87
N THR D 172 21.72 16.72 5.18
CA THR D 172 20.55 15.88 4.96
C THR D 172 20.52 14.72 5.96
N TYR D 173 19.36 14.06 6.00
CA TYR D 173 19.16 12.87 6.82
C TYR D 173 18.94 11.67 5.93
N SER D 174 19.21 10.49 6.48
CA SER D 174 18.79 9.22 5.91
C SER D 174 18.03 8.45 6.97
N LEU D 175 17.12 7.59 6.52
CA LEU D 175 16.26 6.85 7.44
C LEU D 175 16.10 5.42 6.95
N SER D 176 16.14 4.49 7.89
CA SER D 176 15.82 3.10 7.63
C SER D 176 14.59 2.72 8.46
N SER D 177 13.71 1.93 7.86
CA SER D 177 12.58 1.36 8.56
C SER D 177 12.56 -0.14 8.31
N THR D 178 12.49 -0.93 9.38
CA THR D 178 12.66 -2.37 9.30
C THR D 178 11.41 -3.06 9.83
N LEU D 179 10.74 -3.80 8.95
CA LEU D 179 9.58 -4.60 9.31
C LEU D 179 10.02 -6.04 9.55
N THR D 180 9.73 -6.57 10.74
CA THR D 180 10.14 -7.92 11.12
C THR D 180 8.91 -8.80 11.30
N LEU D 181 8.78 -9.81 10.45
CA LEU D 181 7.73 -10.80 10.54
C LEU D 181 8.34 -12.18 10.73
N SER D 182 7.53 -13.10 11.27
CA SER D 182 7.94 -14.48 11.31
C SER D 182 8.01 -15.06 9.89
N LYS D 183 8.77 -16.14 9.75
CA LYS D 183 8.90 -16.80 8.45
C LYS D 183 7.53 -17.25 7.94
N ALA D 184 6.75 -17.88 8.80
CA ALA D 184 5.43 -18.38 8.39
C ALA D 184 4.51 -17.24 7.97
N ASP D 185 4.59 -16.09 8.67
CA ASP D 185 3.76 -14.95 8.30
C ASP D 185 4.23 -14.34 6.99
N TYR D 186 5.55 -14.31 6.76
CA TYR D 186 6.07 -13.72 5.51
C TYR D 186 5.61 -14.50 4.30
N GLU D 187 5.58 -15.83 4.40
CA GLU D 187 5.20 -16.66 3.26
C GLU D 187 3.70 -16.74 3.05
N LYS D 188 2.89 -16.26 3.99
CA LYS D 188 1.45 -16.26 3.81
C LYS D 188 1.00 -15.16 2.85
N HIS D 189 1.74 -14.07 2.78
CA HIS D 189 1.31 -12.88 2.06
C HIS D 189 2.22 -12.62 0.85
N LYS D 190 1.74 -11.75 -0.03
CA LYS D 190 2.35 -11.55 -1.35
C LYS D 190 2.95 -10.17 -1.53
N VAL D 191 2.19 -9.10 -1.29
CA VAL D 191 2.60 -7.75 -1.61
C VAL D 191 3.13 -7.08 -0.34
N TYR D 192 4.36 -6.58 -0.41
CA TYR D 192 4.99 -5.86 0.68
C TYR D 192 5.34 -4.45 0.19
N ALA D 193 4.95 -3.44 0.98
CA ALA D 193 5.10 -2.07 0.53
C ALA D 193 5.33 -1.15 1.73
N CYS D 194 6.25 -0.18 1.55
CA CYS D 194 6.39 0.92 2.48
C CYS D 194 5.90 2.20 1.81
N GLU D 195 5.01 2.92 2.49
CA GLU D 195 4.50 4.20 2.01
C GLU D 195 5.20 5.32 2.75
N VAL D 196 5.72 6.28 2.00
CA VAL D 196 6.54 7.36 2.55
C VAL D 196 5.82 8.69 2.31
N THR D 197 5.61 9.45 3.38
CA THR D 197 5.08 10.80 3.31
C THR D 197 6.18 11.78 3.69
N HIS D 198 6.43 12.76 2.83
CA HIS D 198 7.47 13.74 3.10
C HIS D 198 7.15 15.04 2.39
N GLN D 199 7.64 16.14 2.98
CA GLN D 199 7.31 17.47 2.49
C GLN D 199 7.77 17.67 1.05
N GLY D 200 8.94 17.13 0.70
CA GLY D 200 9.47 17.27 -0.65
C GLY D 200 8.77 16.43 -1.69
N LEU D 201 7.79 15.63 -1.31
CA LEU D 201 7.02 14.80 -2.23
C LEU D 201 5.61 15.36 -2.38
N SER D 202 5.19 15.58 -3.63
CA SER D 202 3.85 16.12 -3.87
C SER D 202 2.77 15.14 -3.44
N SER D 203 3.01 13.84 -3.63
CA SER D 203 2.13 12.79 -3.14
C SER D 203 2.96 11.75 -2.41
N PRO D 204 2.35 10.99 -1.49
CA PRO D 204 3.07 9.89 -0.85
C PRO D 204 3.55 8.89 -1.89
N VAL D 205 4.73 8.32 -1.64
CA VAL D 205 5.36 7.38 -2.57
C VAL D 205 5.36 6.01 -1.94
N THR D 206 5.02 5.00 -2.74
CA THR D 206 4.96 3.61 -2.30
C THR D 206 5.95 2.78 -3.10
N LYS D 207 6.93 2.22 -2.41
CA LYS D 207 7.83 1.22 -2.98
C LYS D 207 7.33 -0.16 -2.58
N SER D 208 7.15 -1.04 -3.56
CA SER D 208 6.52 -2.34 -3.35
C SER D 208 7.35 -3.44 -3.98
N PHE D 209 7.13 -4.66 -3.49
CA PHE D 209 7.60 -5.85 -4.20
C PHE D 209 6.67 -7.01 -3.90
N ASN D 210 6.64 -7.97 -4.82
CA ASN D 210 5.90 -9.21 -4.64
C ASN D 210 6.85 -10.30 -4.17
N ARG D 211 6.47 -11.00 -3.10
CA ARG D 211 7.29 -12.08 -2.59
C ARG D 211 7.48 -13.15 -3.66
N GLY D 212 8.67 -13.74 -3.71
CA GLY D 212 9.02 -14.76 -4.67
C GLY D 212 9.71 -14.25 -5.90
N GLU D 213 9.44 -13.01 -6.30
CA GLU D 213 10.12 -12.40 -7.44
C GLU D 213 11.55 -12.00 -7.05
N CYS D 214 12.08 -10.98 -7.72
CA CYS D 214 13.45 -10.55 -7.44
C CYS D 214 13.62 -10.07 -6.00
N GLU E 1 -8.03 -14.46 -40.00
CA GLU E 1 -7.12 -14.92 -38.95
C GLU E 1 -7.87 -15.22 -37.66
N VAL E 2 -8.75 -14.30 -37.24
CA VAL E 2 -9.58 -14.53 -36.07
C VAL E 2 -10.65 -15.54 -36.43
N GLN E 3 -10.67 -16.68 -35.75
CA GLN E 3 -11.60 -17.75 -36.04
C GLN E 3 -12.17 -18.31 -34.76
N LEU E 4 -13.48 -18.57 -34.76
CA LEU E 4 -14.19 -19.17 -33.64
C LEU E 4 -14.95 -20.37 -34.17
N VAL E 5 -14.46 -21.57 -33.87
CA VAL E 5 -15.00 -22.80 -34.44
C VAL E 5 -15.72 -23.55 -33.34
N GLU E 6 -17.03 -23.68 -33.48
CA GLU E 6 -17.87 -24.30 -32.46
C GLU E 6 -18.19 -25.74 -32.84
N SER E 7 -18.43 -26.56 -31.83
CA SER E 7 -18.78 -27.95 -32.04
C SER E 7 -19.50 -28.46 -30.78
N GLY E 8 -19.99 -29.69 -30.87
CA GLY E 8 -20.65 -30.35 -29.76
C GLY E 8 -22.16 -30.27 -29.80
N GLY E 9 -22.73 -29.47 -30.70
CA GLY E 9 -24.17 -29.38 -30.79
C GLY E 9 -24.78 -30.62 -31.41
N GLY E 10 -26.03 -30.88 -31.06
CA GLY E 10 -26.73 -32.01 -31.62
C GLY E 10 -28.04 -32.25 -30.89
N LEU E 11 -28.58 -33.46 -31.11
CA LEU E 11 -29.85 -33.86 -30.51
C LEU E 11 -29.62 -34.37 -29.10
N VAL E 12 -30.51 -33.99 -28.19
CA VAL E 12 -30.44 -34.41 -26.79
C VAL E 12 -31.85 -34.44 -26.22
N LYS E 13 -32.12 -35.44 -25.36
CA LYS E 13 -33.44 -35.60 -24.79
C LYS E 13 -33.72 -34.55 -23.72
N PRO E 14 -34.98 -34.17 -23.54
CA PRO E 14 -35.32 -33.22 -22.47
C PRO E 14 -34.87 -33.74 -21.12
N GLY E 15 -34.38 -32.82 -20.29
CA GLY E 15 -33.81 -33.17 -19.00
C GLY E 15 -32.38 -33.65 -19.05
N GLY E 16 -31.81 -33.82 -20.23
CA GLY E 16 -30.45 -34.31 -20.37
C GLY E 16 -29.43 -33.19 -20.28
N SER E 17 -28.19 -33.54 -20.64
CA SER E 17 -27.06 -32.63 -20.55
C SER E 17 -26.25 -32.68 -21.84
N LEU E 18 -25.61 -31.57 -22.15
CA LEU E 18 -24.81 -31.45 -23.36
C LEU E 18 -23.80 -30.33 -23.15
N ARG E 19 -22.60 -30.49 -23.69
CA ARG E 19 -21.55 -29.50 -23.54
C ARG E 19 -21.08 -29.02 -24.91
N LEU E 20 -21.06 -27.71 -25.09
CA LEU E 20 -20.60 -27.10 -26.33
C LEU E 20 -19.16 -26.61 -26.16
N SER E 21 -18.43 -26.57 -27.26
CA SER E 21 -17.06 -26.08 -27.26
C SER E 21 -16.90 -25.01 -28.34
N CYS E 22 -15.94 -24.12 -28.12
CA CYS E 22 -15.60 -23.08 -29.09
C CYS E 22 -14.07 -22.98 -29.14
N ALA E 23 -13.49 -23.42 -30.24
CA ALA E 23 -12.04 -23.37 -30.43
C ALA E 23 -11.67 -22.06 -31.13
N ALA E 24 -10.84 -21.26 -30.46
CA ALA E 24 -10.45 -19.95 -30.94
C ALA E 24 -9.01 -19.96 -31.44
N SER E 25 -8.74 -19.11 -32.43
CA SER E 25 -7.40 -18.91 -32.95
C SER E 25 -7.32 -17.55 -33.62
N GLY E 26 -6.09 -17.08 -33.80
CA GLY E 26 -5.87 -15.78 -34.41
C GLY E 26 -5.89 -14.60 -33.47
N PHE E 27 -5.97 -14.84 -32.16
CA PHE E 27 -5.88 -13.78 -31.16
C PHE E 27 -5.42 -14.40 -29.85
N THR E 28 -5.06 -13.54 -28.91
CA THR E 28 -4.60 -14.01 -27.61
C THR E 28 -5.82 -14.39 -26.78
N PHE E 29 -6.13 -15.69 -26.74
CA PHE E 29 -7.37 -16.16 -26.13
C PHE E 29 -7.38 -15.88 -24.63
N SER E 30 -6.24 -16.05 -23.95
CA SER E 30 -6.20 -15.87 -22.51
C SER E 30 -6.56 -14.46 -22.06
N ASN E 31 -6.44 -13.47 -22.94
CA ASN E 31 -6.76 -12.09 -22.58
C ASN E 31 -8.20 -11.69 -22.93
N ALA E 32 -8.90 -12.51 -23.70
CA ALA E 32 -10.21 -12.14 -24.21
C ALA E 32 -11.32 -12.54 -23.25
N TRP E 33 -12.30 -11.67 -23.10
CA TRP E 33 -13.56 -12.06 -22.50
C TRP E 33 -14.43 -12.70 -23.59
N MET E 34 -15.07 -13.81 -23.25
CA MET E 34 -15.83 -14.59 -24.21
C MET E 34 -17.28 -14.71 -23.74
N SER E 35 -18.19 -14.89 -24.70
CA SER E 35 -19.61 -14.94 -24.41
C SER E 35 -20.30 -15.98 -25.27
N TRP E 36 -21.53 -16.30 -24.90
CA TRP E 36 -22.41 -17.16 -25.68
C TRP E 36 -23.69 -16.41 -26.00
N VAL E 37 -24.18 -16.59 -27.22
CA VAL E 37 -25.44 -16.02 -27.68
C VAL E 37 -26.21 -17.11 -28.41
N ARG E 38 -27.53 -17.15 -28.22
CA ARG E 38 -28.33 -18.18 -28.84
C ARG E 38 -29.48 -17.55 -29.61
N GLN E 39 -30.04 -18.34 -30.52
CA GLN E 39 -31.12 -17.89 -31.40
C GLN E 39 -32.00 -19.09 -31.73
N ALA E 40 -33.19 -19.14 -31.13
CA ALA E 40 -34.13 -20.20 -31.44
C ALA E 40 -34.57 -20.10 -32.90
N PRO E 41 -34.99 -21.22 -33.52
CA PRO E 41 -35.38 -21.19 -34.93
C PRO E 41 -36.44 -20.14 -35.25
N GLY E 42 -36.10 -19.21 -36.14
CA GLY E 42 -37.02 -18.16 -36.54
C GLY E 42 -37.17 -17.03 -35.56
N LYS E 43 -36.39 -16.99 -34.48
CA LYS E 43 -36.49 -15.96 -33.46
C LYS E 43 -35.25 -15.07 -33.49
N GLY E 44 -35.15 -14.17 -32.49
CA GLY E 44 -34.08 -13.20 -32.43
C GLY E 44 -32.95 -13.62 -31.50
N LEU E 45 -31.87 -12.84 -31.55
CA LEU E 45 -30.69 -13.12 -30.73
C LEU E 45 -31.00 -12.92 -29.25
N GLU E 46 -30.39 -13.75 -28.42
CA GLU E 46 -30.57 -13.68 -26.97
C GLU E 46 -29.25 -13.98 -26.28
N TRP E 47 -28.83 -13.07 -25.40
CA TRP E 47 -27.56 -13.24 -24.71
C TRP E 47 -27.67 -14.36 -23.68
N VAL E 48 -26.64 -15.20 -23.62
CA VAL E 48 -26.65 -16.37 -22.74
C VAL E 48 -25.77 -16.14 -21.53
N GLY E 49 -24.50 -15.82 -21.76
CA GLY E 49 -23.57 -15.66 -20.65
C GLY E 49 -22.23 -15.20 -21.12
N ARG E 50 -21.38 -14.90 -20.14
CA ARG E 50 -20.05 -14.34 -20.35
C ARG E 50 -19.07 -14.96 -19.35
N ILE E 51 -17.80 -15.04 -19.75
CA ILE E 51 -16.72 -15.40 -18.83
C ILE E 51 -15.58 -14.41 -19.01
N LYS E 52 -15.03 -13.96 -17.89
CA LYS E 52 -13.91 -13.03 -17.92
C LYS E 52 -12.59 -13.77 -18.12
N SER E 53 -11.55 -13.02 -18.44
CA SER E 53 -10.22 -13.59 -18.51
C SER E 53 -9.68 -13.85 -17.11
N LYS E 54 -8.62 -14.66 -17.06
CA LYS E 54 -8.07 -15.07 -15.76
C LYS E 54 -7.56 -13.89 -14.95
N THR E 55 -6.88 -12.94 -15.60
CA THR E 55 -6.36 -11.78 -14.88
C THR E 55 -7.47 -10.88 -14.34
N ASP E 56 -8.70 -11.05 -14.82
CA ASP E 56 -9.84 -10.31 -14.31
C ASP E 56 -10.76 -11.19 -13.46
N GLY E 57 -10.24 -12.33 -12.98
CA GLY E 57 -10.95 -13.21 -12.08
C GLY E 57 -11.45 -14.50 -12.73
N GLY E 58 -11.69 -14.47 -14.04
CA GLY E 58 -12.19 -15.66 -14.72
C GLY E 58 -13.58 -16.10 -14.32
N THR E 59 -14.35 -15.21 -13.71
CA THR E 59 -15.69 -15.55 -13.26
C THR E 59 -16.71 -15.38 -14.39
N THR E 60 -17.91 -15.92 -14.18
CA THR E 60 -18.94 -15.95 -15.21
C THR E 60 -20.19 -15.21 -14.77
N ASP E 61 -21.03 -14.90 -15.74
CA ASP E 61 -22.38 -14.40 -15.53
C ASP E 61 -23.27 -15.02 -16.59
N CYS E 62 -24.53 -15.28 -16.23
CA CYS E 62 -25.45 -15.92 -17.15
C CYS E 62 -26.82 -15.27 -17.06
N ALA E 63 -27.58 -15.39 -18.15
CA ALA E 63 -28.94 -14.86 -18.19
C ALA E 63 -29.82 -15.58 -17.18
N ALA E 64 -30.78 -14.85 -16.63
CA ALA E 64 -31.62 -15.39 -15.57
C ALA E 64 -32.37 -16.66 -15.97
N PRO E 65 -32.93 -16.81 -17.18
CA PRO E 65 -33.63 -18.07 -17.51
C PRO E 65 -32.74 -19.30 -17.50
N VAL E 66 -31.42 -19.15 -17.63
CA VAL E 66 -30.52 -20.30 -17.67
C VAL E 66 -29.54 -20.33 -16.50
N LYS E 67 -29.47 -19.27 -15.69
CA LYS E 67 -28.59 -19.32 -14.53
C LYS E 67 -29.07 -20.43 -13.59
N GLY E 68 -28.11 -21.14 -12.99
CA GLY E 68 -28.44 -22.31 -12.21
C GLY E 68 -28.68 -23.57 -13.01
N ARG E 69 -28.64 -23.50 -14.34
CA ARG E 69 -28.72 -24.70 -15.18
C ARG E 69 -27.51 -24.79 -16.08
N PHE E 70 -26.99 -23.65 -16.53
CA PHE E 70 -25.87 -23.62 -17.46
C PHE E 70 -24.60 -23.20 -16.73
N THR E 71 -23.47 -23.69 -17.24
CA THR E 71 -22.17 -23.38 -16.68
C THR E 71 -21.22 -23.03 -17.82
N ILE E 72 -20.47 -21.95 -17.67
CA ILE E 72 -19.50 -21.49 -18.65
C ILE E 72 -18.11 -21.69 -18.06
N SER E 73 -17.20 -22.22 -18.87
CA SER E 73 -15.81 -22.41 -18.45
C SER E 73 -14.91 -22.20 -19.66
N ARG E 74 -13.62 -22.06 -19.38
CA ARG E 74 -12.63 -21.87 -20.42
C ARG E 74 -11.38 -22.67 -20.06
N ASP E 75 -10.61 -23.01 -21.09
CA ASP E 75 -9.34 -23.71 -20.91
C ASP E 75 -8.33 -22.97 -21.79
N ASP E 76 -7.58 -22.06 -21.17
CA ASP E 76 -6.67 -21.23 -21.94
C ASP E 76 -5.55 -22.04 -22.57
N SER E 77 -5.19 -23.18 -21.99
CA SER E 77 -4.17 -24.03 -22.61
C SER E 77 -4.67 -24.63 -23.92
N LYS E 78 -5.98 -24.81 -24.06
CA LYS E 78 -6.59 -25.30 -25.28
C LYS E 78 -7.22 -24.21 -26.12
N ASN E 79 -7.20 -22.95 -25.65
CA ASN E 79 -7.83 -21.84 -26.36
C ASN E 79 -9.30 -22.17 -26.67
N THR E 80 -9.99 -22.74 -25.69
CA THR E 80 -11.33 -23.27 -25.90
C THR E 80 -12.29 -22.72 -24.88
N LEU E 81 -13.48 -22.34 -25.34
CA LEU E 81 -14.58 -21.89 -24.51
C LEU E 81 -15.63 -22.99 -24.46
N TYR E 82 -16.23 -23.20 -23.29
CA TYR E 82 -17.21 -24.26 -23.09
C TYR E 82 -18.52 -23.69 -22.56
N LEU E 83 -19.62 -24.33 -22.96
CA LEU E 83 -20.94 -24.08 -22.39
C LEU E 83 -21.51 -25.43 -21.97
N GLN E 84 -21.63 -25.64 -20.66
CA GLN E 84 -22.18 -26.88 -20.11
C GLN E 84 -23.66 -26.69 -19.83
N MET E 85 -24.48 -27.54 -20.43
CA MET E 85 -25.93 -27.49 -20.30
C MET E 85 -26.42 -28.65 -19.46
N ASN E 86 -27.34 -28.38 -18.54
CA ASN E 86 -27.93 -29.39 -17.68
C ASN E 86 -29.43 -29.16 -17.61
N SER E 87 -30.18 -30.26 -17.42
CA SER E 87 -31.63 -30.21 -17.28
C SER E 87 -32.26 -29.45 -18.45
N LEU E 88 -31.84 -29.83 -19.65
CA LEU E 88 -32.26 -29.12 -20.86
C LEU E 88 -33.75 -29.23 -21.08
N LYS E 89 -34.34 -28.16 -21.61
CA LYS E 89 -35.75 -28.09 -21.92
C LYS E 89 -35.93 -27.79 -23.40
N THR E 90 -37.14 -28.08 -23.90
CA THR E 90 -37.43 -27.84 -25.32
C THR E 90 -37.13 -26.39 -25.71
N GLU E 91 -37.38 -25.44 -24.80
CA GLU E 91 -37.16 -24.03 -25.07
C GLU E 91 -35.68 -23.66 -25.13
N ASP E 92 -34.77 -24.60 -24.90
CA ASP E 92 -33.35 -24.40 -25.12
C ASP E 92 -32.94 -24.71 -26.55
N THR E 93 -33.84 -25.24 -27.38
CA THR E 93 -33.51 -25.52 -28.76
C THR E 93 -33.19 -24.22 -29.48
N ALA E 94 -31.99 -24.16 -30.06
CA ALA E 94 -31.50 -22.92 -30.64
C ALA E 94 -30.14 -23.17 -31.28
N VAL E 95 -29.78 -22.28 -32.19
CA VAL E 95 -28.39 -22.17 -32.62
C VAL E 95 -27.63 -21.38 -31.56
N TYR E 96 -26.51 -21.92 -31.11
CA TYR E 96 -25.69 -21.28 -30.09
C TYR E 96 -24.43 -20.73 -30.73
N TYR E 97 -24.14 -19.45 -30.47
CA TYR E 97 -22.98 -18.78 -31.03
C TYR E 97 -21.96 -18.49 -29.94
N CYS E 98 -20.70 -18.61 -30.29
CA CYS E 98 -19.58 -18.19 -29.47
C CYS E 98 -19.10 -16.83 -29.96
N THR E 99 -18.87 -15.90 -29.04
CA THR E 99 -18.51 -14.53 -29.42
C THR E 99 -17.35 -14.03 -28.57
N ARG E 100 -16.60 -13.08 -29.11
CA ARG E 100 -15.56 -12.38 -28.39
C ARG E 100 -16.00 -10.94 -28.15
N SER E 101 -15.90 -10.48 -26.90
CA SER E 101 -16.33 -9.14 -26.57
C SER E 101 -15.22 -8.14 -26.89
N ALA E 102 -15.62 -6.89 -27.07
CA ALA E 102 -14.66 -5.85 -27.45
C ALA E 102 -13.79 -5.48 -26.26
N GLU E 103 -12.59 -4.98 -26.56
CA GLU E 103 -11.59 -4.64 -25.56
C GLU E 103 -11.57 -3.13 -25.35
N PHE E 104 -11.77 -2.71 -24.11
CA PHE E 104 -11.72 -1.31 -23.74
C PHE E 104 -10.63 -1.11 -22.70
N TYR E 105 -9.82 -0.08 -22.87
CA TYR E 105 -8.74 0.21 -21.95
C TYR E 105 -9.17 1.34 -21.01
N ASP E 106 -9.13 1.06 -19.70
CA ASP E 106 -9.58 2.00 -18.69
C ASP E 106 -8.39 2.82 -18.22
N PHE E 107 -8.36 4.11 -18.58
CA PHE E 107 -7.21 4.95 -18.32
C PHE E 107 -6.96 5.11 -16.81
N TRP E 108 -8.00 5.42 -16.04
CA TRP E 108 -7.79 5.72 -14.64
C TRP E 108 -7.42 4.48 -13.84
N SER E 109 -8.03 3.33 -14.18
CA SER E 109 -7.76 2.12 -13.40
C SER E 109 -6.51 1.39 -13.89
N GLY E 110 -6.17 1.54 -15.16
CA GLY E 110 -5.06 0.80 -15.72
C GLY E 110 -5.37 -0.60 -16.17
N TYR E 111 -6.61 -1.06 -16.01
CA TYR E 111 -7.02 -2.40 -16.41
C TYR E 111 -7.75 -2.36 -17.75
N TYR E 112 -7.66 -3.47 -18.48
CA TYR E 112 -8.52 -3.70 -19.63
C TYR E 112 -9.87 -4.25 -19.16
N THR E 113 -10.89 -4.02 -19.99
CA THR E 113 -12.22 -4.54 -19.69
C THR E 113 -12.87 -4.97 -21.00
N GLY E 114 -13.86 -5.84 -20.87
CA GLY E 114 -14.64 -6.30 -22.02
C GLY E 114 -15.91 -5.50 -22.15
N LEU E 115 -16.23 -5.14 -23.39
CA LEU E 115 -17.51 -4.51 -23.73
C LEU E 115 -18.33 -5.51 -24.53
N GLU E 116 -19.58 -5.69 -24.15
CA GLU E 116 -20.36 -6.83 -24.61
C GLU E 116 -21.06 -6.58 -25.95
N TYR E 117 -20.38 -5.96 -26.92
CA TYR E 117 -20.79 -6.03 -28.32
C TYR E 117 -19.76 -6.85 -29.08
N PHE E 118 -20.20 -7.50 -30.16
CA PHE E 118 -19.47 -8.62 -30.74
C PHE E 118 -19.16 -8.39 -32.20
N GLN E 119 -17.87 -8.17 -32.50
CA GLN E 119 -17.44 -8.08 -33.89
C GLN E 119 -17.26 -9.47 -34.50
N HIS E 120 -16.74 -10.42 -33.73
CA HIS E 120 -16.38 -11.74 -34.23
C HIS E 120 -17.31 -12.79 -33.63
N TRP E 121 -17.98 -13.54 -34.50
CA TRP E 121 -18.91 -14.58 -34.12
C TRP E 121 -18.43 -15.93 -34.62
N GLY E 122 -18.73 -16.99 -33.87
CA GLY E 122 -18.55 -18.32 -34.38
C GLY E 122 -19.55 -18.62 -35.49
N GLN E 123 -19.40 -19.78 -36.11
CA GLN E 123 -20.33 -20.18 -37.15
C GLN E 123 -21.66 -20.67 -36.59
N GLY E 124 -21.74 -20.93 -35.29
CA GLY E 124 -22.98 -21.37 -34.68
C GLY E 124 -23.12 -22.88 -34.68
N THR E 125 -23.73 -23.42 -33.63
CA THR E 125 -23.96 -24.85 -33.52
C THR E 125 -25.37 -25.08 -33.01
N LEU E 126 -26.10 -25.98 -33.67
CA LEU E 126 -27.51 -26.21 -33.38
C LEU E 126 -27.67 -27.26 -32.30
N VAL E 127 -28.43 -26.92 -31.26
CA VAL E 127 -28.82 -27.84 -30.20
C VAL E 127 -30.31 -28.10 -30.33
N THR E 128 -30.69 -29.37 -30.43
CA THR E 128 -32.09 -29.78 -30.55
C THR E 128 -32.48 -30.57 -29.32
N VAL E 129 -33.45 -30.07 -28.56
CA VAL E 129 -33.94 -30.75 -27.37
C VAL E 129 -35.26 -31.39 -27.75
N SER E 130 -35.23 -32.72 -27.94
CA SER E 130 -36.41 -33.44 -28.34
C SER E 130 -36.29 -34.90 -27.89
N SER E 131 -37.43 -35.53 -27.71
CA SER E 131 -37.47 -36.96 -27.41
C SER E 131 -37.41 -37.82 -28.67
N ALA E 132 -37.60 -37.23 -29.84
CA ALA E 132 -37.47 -37.97 -31.08
C ALA E 132 -36.03 -38.41 -31.31
N SER E 133 -35.85 -39.38 -32.20
CA SER E 133 -34.55 -39.97 -32.46
C SER E 133 -34.06 -39.58 -33.85
N THR E 134 -32.75 -39.72 -34.03
CA THR E 134 -32.09 -39.36 -35.29
C THR E 134 -32.58 -40.24 -36.42
N LYS E 135 -32.83 -39.63 -37.59
CA LYS E 135 -33.28 -40.37 -38.76
C LYS E 135 -32.71 -39.70 -40.01
N GLY E 136 -32.09 -40.51 -40.86
CA GLY E 136 -31.53 -40.03 -42.11
C GLY E 136 -32.62 -39.84 -43.16
N PRO E 137 -32.34 -39.03 -44.17
CA PRO E 137 -33.36 -38.71 -45.17
C PRO E 137 -33.45 -39.76 -46.26
N SER E 138 -34.62 -39.79 -46.90
CA SER E 138 -34.81 -40.48 -48.16
C SER E 138 -34.83 -39.43 -49.26
N VAL E 139 -34.02 -39.64 -50.30
CA VAL E 139 -33.86 -38.66 -51.38
C VAL E 139 -34.52 -39.20 -52.63
N PHE E 140 -35.47 -38.46 -53.19
CA PHE E 140 -36.20 -38.86 -54.37
C PHE E 140 -36.06 -37.84 -55.48
N PRO E 141 -35.96 -38.27 -56.74
CA PRO E 141 -35.77 -37.32 -57.84
C PRO E 141 -37.06 -36.61 -58.22
N LEU E 142 -36.92 -35.34 -58.58
CA LEU E 142 -37.98 -34.56 -59.22
C LEU E 142 -37.54 -34.39 -60.67
N ALA E 143 -38.00 -35.32 -61.51
CA ALA E 143 -37.43 -35.43 -62.86
C ALA E 143 -37.98 -34.33 -63.76
N PRO E 144 -37.14 -33.76 -64.63
CA PRO E 144 -37.64 -32.76 -65.57
C PRO E 144 -38.46 -33.42 -66.66
N SER E 145 -39.47 -32.69 -67.14
CA SER E 145 -40.36 -33.19 -68.18
C SER E 145 -41.03 -31.99 -68.84
N SER E 146 -41.92 -32.27 -69.80
CA SER E 146 -42.69 -31.21 -70.43
C SER E 146 -43.53 -30.45 -69.41
N LYS E 147 -43.90 -31.10 -68.31
CA LYS E 147 -44.63 -30.42 -67.24
C LYS E 147 -43.77 -29.48 -66.41
N SER E 148 -42.44 -29.48 -66.62
CA SER E 148 -41.57 -28.57 -65.88
C SER E 148 -40.70 -27.74 -66.82
N THR E 149 -41.08 -27.62 -68.08
CA THR E 149 -40.32 -26.90 -69.09
C THR E 149 -41.06 -25.62 -69.47
N SER E 150 -40.30 -24.54 -69.68
CA SER E 150 -40.87 -23.31 -70.23
C SER E 150 -39.77 -22.52 -70.89
N GLY E 151 -39.92 -22.27 -72.20
CA GLY E 151 -39.00 -21.41 -72.93
C GLY E 151 -37.55 -21.83 -72.84
N GLY E 152 -37.20 -22.94 -73.50
CA GLY E 152 -35.83 -23.41 -73.53
C GLY E 152 -35.24 -23.71 -72.17
N THR E 153 -36.08 -23.85 -71.15
CA THR E 153 -35.63 -23.98 -69.77
C THR E 153 -36.43 -25.08 -69.10
N ALA E 154 -35.74 -25.94 -68.36
CA ALA E 154 -36.38 -27.06 -67.67
C ALA E 154 -36.04 -27.03 -66.19
N ALA E 155 -37.02 -27.35 -65.36
CA ALA E 155 -36.83 -27.42 -63.91
C ALA E 155 -36.66 -28.87 -63.48
N LEU E 156 -35.75 -29.10 -62.54
CA LEU E 156 -35.55 -30.41 -61.95
C LEU E 156 -35.11 -30.21 -60.51
N GLY E 157 -35.14 -31.29 -59.73
CA GLY E 157 -34.73 -31.17 -58.35
C GLY E 157 -34.70 -32.48 -57.62
N CYS E 158 -34.53 -32.40 -56.30
CA CYS E 158 -34.51 -33.53 -55.40
C CYS E 158 -35.42 -33.26 -54.21
N LEU E 159 -36.12 -34.30 -53.77
CA LEU E 159 -37.00 -34.25 -52.62
C LEU E 159 -36.30 -34.96 -51.46
N VAL E 160 -36.03 -34.22 -50.39
CA VAL E 160 -35.35 -34.74 -49.21
C VAL E 160 -36.41 -34.91 -48.12
N LYS E 161 -36.77 -36.16 -47.84
CA LYS E 161 -37.96 -36.45 -47.05
C LYS E 161 -37.61 -37.15 -45.74
N ASP E 162 -38.32 -36.75 -44.68
CA ASP E 162 -38.39 -37.50 -43.41
C ASP E 162 -37.00 -37.71 -42.80
N TYR E 163 -36.44 -36.60 -42.33
CA TYR E 163 -35.18 -36.65 -41.61
C TYR E 163 -35.31 -35.88 -40.31
N PHE E 164 -34.41 -36.19 -39.36
CA PHE E 164 -34.39 -35.52 -38.07
C PHE E 164 -33.03 -35.73 -37.45
N PRO E 165 -32.44 -34.71 -36.83
CA PRO E 165 -32.91 -33.32 -36.74
C PRO E 165 -32.35 -32.49 -37.88
N GLU E 166 -32.54 -31.18 -37.85
CA GLU E 166 -31.81 -30.30 -38.74
C GLU E 166 -30.32 -30.36 -38.40
N PRO E 167 -29.45 -29.98 -39.33
CA PRO E 167 -29.72 -29.51 -40.69
C PRO E 167 -29.36 -30.53 -41.76
N VAL E 168 -29.70 -30.24 -43.00
CA VAL E 168 -29.20 -31.00 -44.16
C VAL E 168 -28.71 -29.98 -45.18
N THR E 169 -27.62 -30.31 -45.86
CA THR E 169 -27.09 -29.48 -46.93
C THR E 169 -27.33 -30.18 -48.27
N VAL E 170 -27.64 -29.38 -49.29
CA VAL E 170 -27.83 -29.89 -50.64
C VAL E 170 -27.01 -29.06 -51.60
N SER E 171 -26.18 -29.73 -52.40
CA SER E 171 -25.47 -29.10 -53.50
C SER E 171 -25.76 -29.89 -54.77
N TRP E 172 -25.44 -29.30 -55.91
CA TRP E 172 -25.66 -29.93 -57.20
C TRP E 172 -24.33 -30.13 -57.91
N ASN E 173 -24.12 -31.33 -58.44
CA ASN E 173 -22.91 -31.68 -59.17
C ASN E 173 -21.67 -31.31 -58.36
N SER E 174 -21.68 -31.71 -57.09
CA SER E 174 -20.56 -31.51 -56.18
C SER E 174 -20.19 -30.04 -56.05
N GLY E 175 -21.20 -29.17 -56.05
CA GLY E 175 -21.00 -27.75 -55.87
C GLY E 175 -20.69 -26.97 -57.13
N ALA E 176 -20.52 -27.65 -58.27
CA ALA E 176 -20.21 -26.92 -59.50
C ALA E 176 -21.39 -26.12 -59.99
N LEU E 177 -22.60 -26.70 -59.96
CA LEU E 177 -23.81 -26.03 -60.45
C LEU E 177 -24.43 -25.24 -59.31
N THR E 178 -24.37 -23.91 -59.41
CA THR E 178 -24.90 -23.02 -58.38
C THR E 178 -25.92 -22.03 -58.88
N SER E 179 -25.90 -21.66 -60.17
CA SER E 179 -26.83 -20.69 -60.69
C SER E 179 -28.22 -21.31 -60.87
N GLY E 180 -29.25 -20.56 -60.47
CA GLY E 180 -30.62 -21.02 -60.60
C GLY E 180 -31.04 -22.09 -59.61
N VAL E 181 -30.26 -22.31 -58.57
CA VAL E 181 -30.57 -23.32 -57.56
C VAL E 181 -31.45 -22.69 -56.48
N HIS E 182 -32.48 -23.40 -56.07
CA HIS E 182 -33.35 -23.00 -54.96
C HIS E 182 -33.49 -24.17 -54.00
N THR E 183 -32.85 -24.06 -52.83
CA THR E 183 -33.01 -25.04 -51.77
C THR E 183 -33.96 -24.44 -50.74
N PHE E 184 -35.14 -25.03 -50.60
CA PHE E 184 -36.20 -24.49 -49.77
C PHE E 184 -35.91 -24.75 -48.29
N PRO E 185 -36.39 -23.87 -47.41
CA PRO E 185 -36.27 -24.14 -45.97
C PRO E 185 -37.02 -25.40 -45.60
N ALA E 186 -36.48 -26.11 -44.62
CA ALA E 186 -37.14 -27.32 -44.13
C ALA E 186 -38.44 -26.97 -43.43
N VAL E 187 -39.41 -27.87 -43.58
CA VAL E 187 -40.71 -27.73 -42.94
C VAL E 187 -40.91 -28.94 -42.04
N LEU E 188 -41.18 -28.67 -40.76
CA LEU E 188 -41.43 -29.72 -39.78
C LEU E 188 -42.88 -30.19 -39.89
N GLN E 189 -43.08 -31.45 -40.28
CA GLN E 189 -44.42 -32.00 -40.36
C GLN E 189 -44.87 -32.51 -39.00
N SER E 190 -46.14 -32.95 -38.92
CA SER E 190 -46.72 -33.37 -37.65
C SER E 190 -46.11 -34.66 -37.12
N SER E 191 -45.48 -35.45 -38.00
CA SER E 191 -44.79 -36.65 -37.55
C SER E 191 -43.54 -36.35 -36.73
N GLY E 192 -43.11 -35.08 -36.69
CA GLY E 192 -41.87 -34.70 -36.04
C GLY E 192 -40.66 -34.72 -36.93
N LEU E 193 -40.80 -35.17 -38.17
CA LEU E 193 -39.68 -35.20 -39.10
C LEU E 193 -39.69 -33.96 -39.99
N TYR E 194 -38.55 -33.70 -40.62
CA TYR E 194 -38.41 -32.58 -41.54
C TYR E 194 -38.40 -33.09 -42.98
N SER E 195 -38.78 -32.19 -43.89
CA SER E 195 -38.70 -32.47 -45.33
C SER E 195 -38.40 -31.18 -46.05
N LEU E 196 -37.64 -31.27 -47.14
CA LEU E 196 -37.39 -30.12 -47.99
C LEU E 196 -37.11 -30.60 -49.40
N SER E 197 -37.21 -29.67 -50.35
CA SER E 197 -36.81 -29.90 -51.73
C SER E 197 -35.73 -28.90 -52.13
N SER E 198 -34.93 -29.30 -53.11
CA SER E 198 -33.99 -28.40 -53.78
C SER E 198 -34.19 -28.55 -55.28
N VAL E 199 -34.37 -27.43 -55.97
CA VAL E 199 -34.62 -27.44 -57.40
C VAL E 199 -33.64 -26.52 -58.10
N VAL E 200 -33.42 -26.78 -59.38
CA VAL E 200 -32.55 -25.97 -60.20
C VAL E 200 -33.15 -25.91 -61.60
N THR E 201 -33.03 -24.76 -62.23
CA THR E 201 -33.47 -24.56 -63.60
C THR E 201 -32.26 -24.61 -64.52
N VAL E 202 -32.35 -25.42 -65.57
CA VAL E 202 -31.24 -25.63 -66.50
C VAL E 202 -31.78 -25.52 -67.92
N PRO E 203 -30.92 -25.23 -68.88
CA PRO E 203 -31.38 -25.22 -70.28
C PRO E 203 -31.82 -26.61 -70.71
N SER E 204 -32.97 -26.65 -71.39
CA SER E 204 -33.50 -27.93 -71.88
C SER E 204 -32.58 -28.59 -72.90
N SER E 205 -31.77 -27.79 -73.60
CA SER E 205 -30.81 -28.36 -74.56
C SER E 205 -29.78 -29.24 -73.89
N SER E 206 -29.51 -29.04 -72.59
CA SER E 206 -28.49 -29.81 -71.89
C SER E 206 -29.00 -31.13 -71.35
N LEU E 207 -30.31 -31.31 -71.25
CA LEU E 207 -30.85 -32.61 -70.90
C LEU E 207 -30.45 -33.63 -71.97
N GLY E 208 -29.96 -34.78 -71.52
CA GLY E 208 -29.49 -35.78 -72.45
C GLY E 208 -28.00 -35.75 -72.72
N THR E 209 -27.31 -34.67 -72.35
CA THR E 209 -25.86 -34.62 -72.42
C THR E 209 -25.21 -34.30 -71.08
N GLN E 210 -25.83 -33.46 -70.26
CA GLN E 210 -25.29 -33.08 -68.96
C GLN E 210 -25.96 -33.91 -67.87
N THR E 211 -25.15 -34.49 -66.99
CA THR E 211 -25.64 -35.26 -65.85
C THR E 211 -25.87 -34.33 -64.66
N TYR E 212 -27.02 -34.49 -64.00
CA TYR E 212 -27.37 -33.69 -62.83
C TYR E 212 -27.52 -34.58 -61.62
N ILE E 213 -26.64 -34.41 -60.63
CA ILE E 213 -26.67 -35.17 -59.39
C ILE E 213 -26.85 -34.20 -58.23
N CYS E 214 -27.77 -34.50 -57.33
CA CYS E 214 -27.93 -33.74 -56.11
C CYS E 214 -27.19 -34.44 -54.98
N ASN E 215 -26.31 -33.71 -54.30
CA ASN E 215 -25.53 -34.24 -53.20
C ASN E 215 -26.18 -33.80 -51.89
N VAL E 216 -26.64 -34.78 -51.11
CA VAL E 216 -27.36 -34.53 -49.87
C VAL E 216 -26.50 -35.02 -48.72
N ASN E 217 -26.21 -34.14 -47.78
CA ASN E 217 -25.44 -34.50 -46.59
C ASN E 217 -26.28 -34.18 -45.36
N HIS E 218 -26.65 -35.21 -44.62
CA HIS E 218 -27.32 -35.07 -43.34
C HIS E 218 -26.30 -35.50 -42.27
N LYS E 219 -25.54 -34.52 -41.77
CA LYS E 219 -24.48 -34.85 -40.81
C LYS E 219 -24.97 -35.41 -39.49
N PRO E 220 -26.13 -35.02 -38.94
CA PRO E 220 -26.58 -35.66 -37.69
C PRO E 220 -26.67 -37.17 -37.77
N SER E 221 -27.01 -37.74 -38.91
CA SER E 221 -27.02 -39.19 -39.08
C SER E 221 -25.83 -39.70 -39.88
N ASN E 222 -24.90 -38.83 -40.24
CA ASN E 222 -23.73 -39.18 -41.06
C ASN E 222 -24.15 -39.87 -42.35
N THR E 223 -25.12 -39.26 -43.04
CA THR E 223 -25.68 -39.82 -44.27
C THR E 223 -25.32 -38.90 -45.44
N LYS E 224 -24.65 -39.47 -46.45
CA LYS E 224 -24.38 -38.78 -47.70
C LYS E 224 -25.05 -39.52 -48.83
N VAL E 225 -25.83 -38.82 -49.64
CA VAL E 225 -26.57 -39.39 -50.75
C VAL E 225 -26.27 -38.60 -52.01
N ASP E 226 -25.95 -39.30 -53.09
CA ASP E 226 -25.77 -38.70 -54.41
C ASP E 226 -26.81 -39.31 -55.34
N LYS E 227 -27.84 -38.54 -55.69
CA LYS E 227 -28.96 -39.03 -56.48
C LYS E 227 -28.91 -38.41 -57.87
N ARG E 228 -28.78 -39.25 -58.88
CA ARG E 228 -28.83 -38.78 -60.25
C ARG E 228 -30.28 -38.54 -60.65
N VAL E 229 -30.54 -37.41 -61.31
CA VAL E 229 -31.88 -37.05 -61.75
C VAL E 229 -31.94 -37.27 -63.25
N GLU E 230 -32.67 -38.30 -63.68
CA GLU E 230 -32.82 -38.64 -65.09
C GLU E 230 -33.95 -37.85 -65.72
N PRO E 231 -33.77 -37.37 -66.95
CA PRO E 231 -34.84 -36.65 -67.62
C PRO E 231 -35.89 -37.59 -68.19
N LYS E 232 -37.12 -37.11 -68.20
CA LYS E 232 -38.25 -37.78 -68.84
C LYS E 232 -38.45 -37.19 -70.22
N SER E 233 -38.46 -38.05 -71.24
CA SER E 233 -38.49 -37.60 -72.63
C SER E 233 -39.92 -37.37 -73.12
N CYS E 234 -40.79 -38.35 -72.94
CA CYS E 234 -42.18 -38.33 -73.42
C CYS E 234 -42.85 -36.96 -73.32
N ASP F 1 -34.14 -4.64 -15.28
CA ASP F 1 -33.31 -4.88 -16.45
C ASP F 1 -33.73 -3.98 -17.62
N ILE F 2 -32.77 -3.60 -18.45
CA ILE F 2 -33.07 -2.80 -19.63
C ILE F 2 -33.85 -3.63 -20.63
N GLN F 3 -34.95 -3.07 -21.13
CA GLN F 3 -35.73 -3.67 -22.21
C GLN F 3 -35.57 -2.84 -23.47
N MET F 4 -35.37 -3.52 -24.60
CA MET F 4 -35.25 -2.86 -25.89
C MET F 4 -36.49 -3.15 -26.72
N THR F 5 -37.12 -2.10 -27.23
CA THR F 5 -38.31 -2.21 -28.07
C THR F 5 -37.93 -1.74 -29.46
N GLN F 6 -37.80 -2.68 -30.39
CA GLN F 6 -37.35 -2.40 -31.75
C GLN F 6 -38.55 -2.32 -32.68
N SER F 7 -38.63 -1.24 -33.44
CA SER F 7 -39.76 -1.05 -34.34
C SER F 7 -39.25 -0.56 -35.69
N PRO F 8 -39.89 -0.98 -36.78
CA PRO F 8 -41.01 -1.93 -36.85
C PRO F 8 -40.51 -3.38 -36.85
N ALA F 9 -41.39 -4.36 -36.60
CA ALA F 9 -40.96 -5.75 -36.64
C ALA F 9 -40.67 -6.21 -38.06
N SER F 10 -41.49 -5.77 -39.01
CA SER F 10 -41.28 -6.06 -40.43
C SER F 10 -41.24 -4.76 -41.20
N LEU F 11 -40.47 -4.74 -42.29
CA LEU F 11 -40.29 -3.54 -43.09
C LEU F 11 -40.10 -3.90 -44.54
N SER F 12 -40.90 -3.29 -45.41
CA SER F 12 -40.83 -3.48 -46.85
C SER F 12 -40.53 -2.13 -47.51
N ALA F 13 -39.50 -2.10 -48.37
CA ALA F 13 -39.02 -0.84 -48.91
C ALA F 13 -38.47 -1.02 -50.31
N SER F 14 -38.72 -0.03 -51.16
CA SER F 14 -38.21 -0.01 -52.53
C SER F 14 -36.71 0.28 -52.55
N VAL F 15 -36.05 -0.16 -53.62
CA VAL F 15 -34.63 0.12 -53.79
C VAL F 15 -34.41 1.62 -53.89
N GLY F 16 -33.35 2.10 -53.23
CA GLY F 16 -33.00 3.50 -53.25
C GLY F 16 -33.61 4.34 -52.17
N GLU F 17 -34.59 3.81 -51.43
CA GLU F 17 -35.17 4.56 -50.32
C GLU F 17 -34.21 4.64 -49.15
N THR F 18 -34.50 5.56 -48.23
CA THR F 18 -33.82 5.64 -46.95
C THR F 18 -34.70 4.99 -45.90
N VAL F 19 -34.19 3.93 -45.27
CA VAL F 19 -34.93 3.13 -44.31
C VAL F 19 -34.46 3.47 -42.91
N THR F 20 -35.41 3.57 -41.97
CA THR F 20 -35.12 3.92 -40.58
C THR F 20 -35.69 2.85 -39.65
N ILE F 21 -34.82 2.24 -38.87
CA ILE F 21 -35.21 1.30 -37.81
C ILE F 21 -34.92 1.96 -36.48
N THR F 22 -35.86 1.88 -35.55
CA THR F 22 -35.73 2.56 -34.27
C THR F 22 -35.71 1.56 -33.11
N CYS F 23 -34.99 1.90 -32.06
CA CYS F 23 -35.02 1.17 -30.80
C CYS F 23 -35.22 2.16 -29.67
N ARG F 24 -36.17 1.85 -28.79
CA ARG F 24 -36.44 2.62 -27.60
C ARG F 24 -36.10 1.77 -26.39
N ALA F 25 -35.25 2.30 -25.51
CA ALA F 25 -34.82 1.59 -24.31
C ALA F 25 -35.70 1.96 -23.13
N SER F 26 -35.93 0.98 -22.26
CA SER F 26 -36.70 1.21 -21.04
C SER F 26 -36.03 2.18 -20.08
N GLY F 27 -34.76 2.54 -20.32
CA GLY F 27 -34.07 3.53 -19.51
C GLY F 27 -32.99 4.19 -20.33
N ASN F 28 -32.40 5.22 -19.74
CA ASN F 28 -31.27 5.90 -20.36
C ASN F 28 -30.08 4.95 -20.43
N ILE F 29 -29.68 4.57 -21.64
CA ILE F 29 -28.55 3.66 -21.84
C ILE F 29 -27.29 4.38 -22.29
N HIS F 30 -27.33 5.71 -22.40
CA HIS F 30 -26.13 6.54 -22.59
C HIS F 30 -25.27 6.06 -23.77
N ASN F 31 -25.94 5.85 -24.91
CA ASN F 31 -25.29 5.50 -26.18
C ASN F 31 -24.59 4.14 -26.14
N TYR F 32 -24.85 3.31 -25.13
CA TYR F 32 -24.25 1.98 -25.08
C TYR F 32 -25.10 1.01 -25.90
N LEU F 33 -25.12 1.24 -27.21
CA LEU F 33 -25.96 0.50 -28.13
C LEU F 33 -25.17 0.06 -29.35
N ALA F 34 -25.39 -1.19 -29.77
CA ALA F 34 -24.82 -1.71 -31.00
C ALA F 34 -25.93 -2.12 -31.96
N TRP F 35 -25.61 -2.13 -33.26
CA TRP F 35 -26.51 -2.59 -34.30
C TRP F 35 -25.87 -3.73 -35.06
N TYR F 36 -26.68 -4.72 -35.44
CA TYR F 36 -26.21 -5.89 -36.16
C TYR F 36 -27.07 -6.16 -37.39
N GLN F 37 -26.45 -6.79 -38.37
CA GLN F 37 -27.12 -7.30 -39.56
C GLN F 37 -26.93 -8.80 -39.62
N GLN F 38 -28.00 -9.54 -39.94
CA GLN F 38 -27.91 -10.99 -40.09
C GLN F 38 -28.59 -11.39 -41.39
N LYS F 39 -27.80 -11.92 -42.32
CA LYS F 39 -28.34 -12.50 -43.53
C LYS F 39 -28.76 -13.94 -43.27
N GLN F 40 -29.55 -14.49 -44.18
CA GLN F 40 -30.09 -15.83 -44.00
C GLN F 40 -28.96 -16.85 -43.96
N GLY F 41 -29.04 -17.75 -42.97
CA GLY F 41 -28.06 -18.81 -42.86
C GLY F 41 -26.68 -18.35 -42.48
N LYS F 42 -26.52 -17.09 -42.08
CA LYS F 42 -25.22 -16.57 -41.67
C LYS F 42 -25.30 -16.08 -40.23
N SER F 43 -24.12 -15.93 -39.63
CA SER F 43 -24.01 -15.37 -38.31
C SER F 43 -24.13 -13.86 -38.36
N PRO F 44 -24.56 -13.22 -37.28
CA PRO F 44 -24.71 -11.76 -37.30
C PRO F 44 -23.38 -11.07 -37.52
N GLN F 45 -23.44 -9.87 -38.08
CA GLN F 45 -22.26 -9.03 -38.27
C GLN F 45 -22.52 -7.66 -37.67
N LEU F 46 -21.55 -7.15 -36.93
CA LEU F 46 -21.69 -5.85 -36.29
C LEU F 46 -21.67 -4.74 -37.34
N LEU F 47 -22.62 -3.80 -37.23
CA LEU F 47 -22.67 -2.63 -38.09
C LEU F 47 -22.22 -1.36 -37.37
N VAL F 48 -22.77 -1.11 -36.19
CA VAL F 48 -22.54 0.12 -35.45
C VAL F 48 -22.32 -0.23 -33.98
N TYR F 49 -21.42 0.50 -33.32
CA TYR F 49 -21.32 0.44 -31.88
C TYR F 49 -21.22 1.87 -31.33
N ASN F 50 -21.39 2.00 -30.01
CA ASN F 50 -21.50 3.30 -29.35
C ASN F 50 -22.58 4.17 -30.00
N ALA F 51 -23.63 3.53 -30.50
CA ALA F 51 -24.81 4.20 -31.06
C ALA F 51 -24.54 4.90 -32.38
N LYS F 52 -23.29 5.34 -32.62
CA LYS F 52 -23.00 6.14 -33.81
C LYS F 52 -21.74 5.74 -34.57
N THR F 53 -20.90 4.84 -34.05
CA THR F 53 -19.62 4.55 -34.68
C THR F 53 -19.75 3.35 -35.63
N LEU F 54 -19.41 3.56 -36.89
CA LEU F 54 -19.49 2.50 -37.88
C LEU F 54 -18.36 1.50 -37.69
N ALA F 55 -18.69 0.21 -37.78
CA ALA F 55 -17.67 -0.81 -37.61
C ALA F 55 -16.78 -0.90 -38.84
N ASP F 56 -15.64 -1.57 -38.67
CA ASP F 56 -14.69 -1.74 -39.77
C ASP F 56 -15.36 -2.41 -40.96
N GLY F 57 -15.12 -1.86 -42.15
CA GLY F 57 -15.59 -2.45 -43.39
C GLY F 57 -17.04 -2.24 -43.70
N VAL F 58 -17.80 -1.56 -42.83
CA VAL F 58 -19.23 -1.37 -43.06
C VAL F 58 -19.43 -0.25 -44.07
N PRO F 59 -20.27 -0.46 -45.09
CA PRO F 59 -20.51 0.61 -46.07
C PRO F 59 -21.03 1.88 -45.41
N SER F 60 -20.62 3.02 -45.96
CA SER F 60 -20.95 4.31 -45.39
C SER F 60 -22.42 4.67 -45.48
N ARG F 61 -23.22 3.94 -46.25
CA ARG F 61 -24.65 4.23 -46.31
C ARG F 61 -25.39 3.80 -45.04
N PHE F 62 -24.72 3.10 -44.13
CA PHE F 62 -25.27 2.84 -42.81
C PHE F 62 -24.85 3.95 -41.85
N SER F 63 -25.74 4.27 -40.91
CA SER F 63 -25.43 5.25 -39.89
C SER F 63 -26.37 5.06 -38.70
N GLY F 64 -25.83 5.17 -37.49
CA GLY F 64 -26.60 5.10 -36.28
C GLY F 64 -26.61 6.46 -35.58
N SER F 65 -27.73 6.76 -34.92
CA SER F 65 -27.89 8.03 -34.23
C SER F 65 -28.80 7.83 -33.03
N GLY F 66 -28.86 8.87 -32.19
CA GLY F 66 -29.78 8.90 -31.07
C GLY F 66 -29.06 9.23 -29.78
N SER F 67 -29.83 9.20 -28.69
CA SER F 67 -29.30 9.47 -27.36
C SER F 67 -30.40 9.14 -26.36
N GLY F 68 -30.02 9.06 -25.09
CA GLY F 68 -30.96 8.77 -24.03
C GLY F 68 -31.61 7.41 -24.16
N THR F 69 -32.91 7.40 -24.49
CA THR F 69 -33.64 6.15 -24.68
C THR F 69 -33.98 5.87 -26.13
N GLN F 70 -33.77 6.82 -27.04
CA GLN F 70 -34.25 6.71 -28.42
C GLN F 70 -33.06 6.68 -29.38
N TYR F 71 -33.02 5.65 -30.23
CA TYR F 71 -31.93 5.45 -31.16
C TYR F 71 -32.48 4.96 -32.49
N SER F 72 -31.71 5.16 -33.57
CA SER F 72 -32.15 4.79 -34.91
C SER F 72 -30.98 4.28 -35.73
N LEU F 73 -31.27 3.30 -36.57
CA LEU F 73 -30.36 2.84 -37.61
C LEU F 73 -30.91 3.28 -38.96
N LYS F 74 -30.11 3.99 -39.74
CA LYS F 74 -30.53 4.47 -41.05
C LYS F 74 -29.74 3.78 -42.15
N ILE F 75 -30.45 3.30 -43.16
CA ILE F 75 -29.86 2.73 -44.35
C ILE F 75 -30.22 3.63 -45.52
N ASN F 76 -29.23 4.38 -46.03
CA ASN F 76 -29.44 5.26 -47.17
C ASN F 76 -29.29 4.48 -48.46
N SER F 77 -30.15 4.79 -49.44
CA SER F 77 -30.10 4.21 -50.78
C SER F 77 -30.09 2.68 -50.71
N LEU F 78 -31.22 2.14 -50.28
CA LEU F 78 -31.37 0.70 -50.08
C LEU F 78 -31.01 -0.07 -51.34
N GLN F 79 -30.26 -1.16 -51.15
CA GLN F 79 -29.82 -2.08 -52.18
C GLN F 79 -30.45 -3.46 -51.98
N PRO F 80 -30.69 -4.21 -53.06
CA PRO F 80 -31.37 -5.51 -52.92
C PRO F 80 -30.65 -6.48 -52.00
N GLU F 81 -29.33 -6.39 -51.87
CA GLU F 81 -28.62 -7.28 -50.98
C GLU F 81 -28.80 -6.92 -49.51
N ASP F 82 -29.47 -5.81 -49.20
CA ASP F 82 -29.70 -5.45 -47.81
C ASP F 82 -30.81 -6.27 -47.17
N VAL F 83 -31.41 -7.21 -47.90
CA VAL F 83 -32.47 -8.04 -47.34
C VAL F 83 -31.91 -8.88 -46.19
N GLY F 84 -32.66 -8.97 -45.11
CA GLY F 84 -32.24 -9.71 -43.94
C GLY F 84 -32.87 -9.13 -42.70
N SER F 85 -32.29 -9.48 -41.56
CA SER F 85 -32.77 -9.03 -40.26
C SER F 85 -31.76 -8.08 -39.62
N TYR F 86 -32.27 -7.15 -38.82
CA TYR F 86 -31.44 -6.18 -38.14
C TYR F 86 -31.79 -6.16 -36.65
N TYR F 87 -30.78 -5.98 -35.80
CA TYR F 87 -30.93 -6.07 -34.36
C TYR F 87 -30.19 -4.94 -33.69
N CYS F 88 -30.82 -4.33 -32.69
CA CYS F 88 -30.10 -3.45 -31.77
C CYS F 88 -29.77 -4.23 -30.50
N GLN F 89 -28.82 -3.71 -29.74
CA GLN F 89 -28.39 -4.39 -28.52
C GLN F 89 -27.84 -3.39 -27.54
N TYR F 90 -28.32 -3.47 -26.30
CA TYR F 90 -27.72 -2.75 -25.18
C TYR F 90 -26.56 -3.58 -24.66
N PHE F 91 -25.40 -2.94 -24.43
CA PHE F 91 -24.21 -3.71 -24.07
C PHE F 91 -23.48 -3.20 -22.82
N TRP F 92 -24.09 -2.31 -22.04
CA TRP F 92 -23.37 -1.79 -20.88
C TRP F 92 -23.39 -2.75 -19.69
N SER F 93 -24.50 -3.44 -19.47
CA SER F 93 -24.60 -4.31 -18.30
C SER F 93 -25.59 -5.43 -18.57
N ILE F 94 -25.60 -6.38 -17.64
CA ILE F 94 -26.47 -7.56 -17.70
C ILE F 94 -27.93 -7.11 -17.83
N PRO F 95 -28.76 -7.74 -18.67
CA PRO F 95 -28.46 -8.92 -19.49
C PRO F 95 -28.09 -8.61 -20.94
N TYR F 96 -27.56 -7.41 -21.22
CA TYR F 96 -27.08 -7.05 -22.56
C TYR F 96 -28.15 -7.34 -23.62
N THR F 97 -29.30 -6.71 -23.42
CA THR F 97 -30.52 -7.11 -24.12
C THR F 97 -30.45 -6.79 -25.60
N PHE F 98 -30.71 -7.80 -26.44
CA PHE F 98 -30.96 -7.58 -27.85
C PHE F 98 -32.41 -7.17 -28.06
N GLY F 99 -32.64 -6.28 -29.02
CA GLY F 99 -33.99 -5.99 -29.46
C GLY F 99 -34.60 -7.20 -30.15
N GLY F 100 -35.92 -7.10 -30.38
CA GLY F 100 -36.64 -8.20 -30.99
C GLY F 100 -36.29 -8.46 -32.44
N GLY F 101 -35.71 -7.47 -33.11
CA GLY F 101 -35.28 -7.65 -34.49
C GLY F 101 -36.23 -7.00 -35.47
N THR F 102 -35.69 -6.63 -36.63
CA THR F 102 -36.47 -6.12 -37.75
C THR F 102 -36.14 -6.93 -38.99
N LYS F 103 -37.18 -7.44 -39.67
CA LYS F 103 -37.03 -8.18 -40.91
C LYS F 103 -37.26 -7.22 -42.08
N LEU F 104 -36.26 -7.08 -42.95
CA LEU F 104 -36.30 -6.14 -44.07
C LEU F 104 -36.64 -6.88 -45.36
N GLU F 105 -37.69 -6.43 -46.04
CA GLU F 105 -38.07 -6.94 -47.35
C GLU F 105 -37.86 -5.86 -48.39
N ILE F 106 -37.46 -6.27 -49.60
CA ILE F 106 -37.29 -5.35 -50.71
C ILE F 106 -38.56 -5.34 -51.55
N LYS F 107 -39.04 -4.14 -51.87
CA LYS F 107 -40.21 -3.96 -52.71
C LYS F 107 -39.77 -3.80 -54.16
N ARG F 108 -40.42 -4.52 -55.07
CA ARG F 108 -40.06 -4.48 -56.48
C ARG F 108 -41.31 -4.64 -57.33
N THR F 109 -41.12 -4.61 -58.65
CA THR F 109 -42.24 -4.75 -59.57
C THR F 109 -42.83 -6.15 -59.49
N VAL F 110 -44.13 -6.23 -59.76
CA VAL F 110 -44.83 -7.52 -59.71
C VAL F 110 -44.23 -8.46 -60.75
N ALA F 111 -44.01 -9.71 -60.33
CA ALA F 111 -43.42 -10.73 -61.19
C ALA F 111 -44.23 -12.01 -61.03
N ALA F 112 -44.84 -12.47 -62.11
CA ALA F 112 -45.69 -13.65 -62.05
C ALA F 112 -44.83 -14.92 -61.91
N PRO F 113 -45.32 -15.92 -61.19
CA PRO F 113 -44.56 -17.15 -61.02
C PRO F 113 -44.63 -18.05 -62.24
N SER F 114 -43.52 -18.74 -62.50
CA SER F 114 -43.53 -19.90 -63.36
C SER F 114 -43.95 -21.11 -62.53
N VAL F 115 -44.93 -21.86 -63.02
CA VAL F 115 -45.54 -22.97 -62.30
C VAL F 115 -45.11 -24.28 -62.97
N PHE F 116 -44.52 -25.17 -62.17
CA PHE F 116 -44.11 -26.50 -62.62
C PHE F 116 -44.67 -27.55 -61.66
N ILE F 117 -44.90 -28.76 -62.17
CA ILE F 117 -45.43 -29.84 -61.35
C ILE F 117 -44.65 -31.11 -61.63
N PHE F 118 -44.48 -31.92 -60.58
CA PHE F 118 -43.70 -33.16 -60.65
C PHE F 118 -44.53 -34.28 -60.04
N PRO F 119 -44.85 -35.33 -60.80
CA PRO F 119 -45.49 -36.51 -60.20
C PRO F 119 -44.53 -37.22 -59.26
N PRO F 120 -45.03 -38.12 -58.41
CA PRO F 120 -44.14 -38.81 -57.46
C PRO F 120 -43.18 -39.76 -58.17
N SER F 121 -42.03 -39.96 -57.53
CA SER F 121 -41.02 -40.87 -58.07
C SER F 121 -41.45 -42.32 -57.86
N ASP F 122 -40.94 -43.20 -58.73
CA ASP F 122 -41.25 -44.61 -58.59
C ASP F 122 -40.58 -45.22 -57.37
N GLU F 123 -39.44 -44.68 -56.95
CA GLU F 123 -38.80 -45.18 -55.73
C GLU F 123 -39.64 -44.88 -54.50
N GLN F 124 -40.20 -43.67 -54.40
CA GLN F 124 -41.03 -43.34 -53.25
C GLN F 124 -42.31 -44.18 -53.25
N LEU F 125 -42.89 -44.41 -54.43
CA LEU F 125 -44.09 -45.24 -54.52
C LEU F 125 -43.85 -46.61 -53.89
N LYS F 126 -42.75 -47.26 -54.29
CA LYS F 126 -42.42 -48.57 -53.74
C LYS F 126 -42.41 -48.58 -52.22
N SER F 127 -42.08 -47.46 -51.59
CA SER F 127 -42.10 -47.34 -50.14
C SER F 127 -43.50 -47.15 -49.58
N GLY F 128 -44.51 -46.94 -50.41
CA GLY F 128 -45.88 -46.85 -49.96
C GLY F 128 -46.46 -45.46 -49.82
N THR F 129 -45.75 -44.42 -50.27
CA THR F 129 -46.27 -43.06 -50.22
C THR F 129 -46.02 -42.37 -51.55
N ALA F 130 -46.75 -41.27 -51.76
CA ALA F 130 -46.70 -40.52 -53.01
C ALA F 130 -46.71 -39.04 -52.70
N SER F 131 -45.63 -38.35 -53.05
CA SER F 131 -45.54 -36.91 -52.89
C SER F 131 -45.58 -36.25 -54.26
N VAL F 132 -46.48 -35.28 -54.42
CA VAL F 132 -46.57 -34.49 -55.64
C VAL F 132 -46.11 -33.08 -55.31
N VAL F 133 -45.23 -32.52 -56.15
CA VAL F 133 -44.61 -31.24 -55.89
C VAL F 133 -45.04 -30.24 -56.95
N CYS F 134 -45.52 -29.09 -56.50
CA CYS F 134 -45.86 -27.96 -57.34
C CYS F 134 -44.88 -26.85 -57.01
N LEU F 135 -44.20 -26.33 -58.03
CA LEU F 135 -43.13 -25.36 -57.85
C LEU F 135 -43.53 -24.03 -58.46
N LEU F 136 -43.45 -22.97 -57.67
CA LEU F 136 -43.67 -21.60 -58.13
C LEU F 136 -42.32 -20.90 -58.10
N ASN F 137 -41.88 -20.40 -59.25
CA ASN F 137 -40.49 -19.95 -59.41
C ASN F 137 -40.43 -18.46 -59.69
N ASN F 138 -39.65 -17.75 -58.86
CA ASN F 138 -39.20 -16.38 -59.14
C ASN F 138 -40.37 -15.40 -59.31
N PHE F 139 -41.14 -15.23 -58.24
CA PHE F 139 -42.30 -14.35 -58.27
C PHE F 139 -42.21 -13.29 -57.19
N TYR F 140 -43.03 -12.25 -57.35
CA TYR F 140 -43.18 -11.15 -56.39
C TYR F 140 -44.56 -10.54 -56.63
N PRO F 141 -45.33 -10.23 -55.56
CA PRO F 141 -44.97 -10.32 -54.13
C PRO F 141 -45.07 -11.74 -53.57
N ARG F 142 -44.81 -11.87 -52.27
CA ARG F 142 -44.75 -13.19 -51.64
C ARG F 142 -46.11 -13.86 -51.57
N GLU F 143 -47.18 -13.08 -51.39
CA GLU F 143 -48.51 -13.65 -51.21
C GLU F 143 -48.92 -14.48 -52.42
N ALA F 144 -49.23 -15.76 -52.18
CA ALA F 144 -49.69 -16.64 -53.23
C ALA F 144 -50.60 -17.70 -52.62
N LYS F 145 -51.59 -18.12 -53.41
CA LYS F 145 -52.50 -19.18 -53.02
C LYS F 145 -52.27 -20.38 -53.92
N VAL F 146 -52.06 -21.55 -53.31
CA VAL F 146 -51.83 -22.80 -54.03
C VAL F 146 -52.84 -23.81 -53.52
N GLN F 147 -53.68 -24.31 -54.42
CA GLN F 147 -54.71 -25.29 -54.07
C GLN F 147 -54.49 -26.57 -54.86
N TRP F 148 -54.55 -27.71 -54.16
CA TRP F 148 -54.39 -29.01 -54.77
C TRP F 148 -55.75 -29.64 -55.04
N LYS F 149 -55.89 -30.25 -56.23
CA LYS F 149 -57.11 -30.96 -56.61
C LYS F 149 -56.74 -32.34 -57.14
N VAL F 150 -57.48 -33.36 -56.69
CA VAL F 150 -57.30 -34.74 -57.12
C VAL F 150 -58.64 -35.22 -57.66
N ASP F 151 -58.72 -35.42 -58.98
CA ASP F 151 -59.99 -35.68 -59.65
C ASP F 151 -61.01 -34.59 -59.28
N ASN F 152 -60.54 -33.35 -59.29
CA ASN F 152 -61.34 -32.15 -59.04
C ASN F 152 -61.83 -32.07 -57.59
N ALA F 153 -61.20 -32.78 -56.67
CA ALA F 153 -61.55 -32.70 -55.25
C ALA F 153 -60.46 -31.93 -54.53
N LEU F 154 -60.84 -30.84 -53.86
CA LEU F 154 -59.88 -30.03 -53.13
C LEU F 154 -59.30 -30.80 -51.95
N GLN F 155 -57.99 -30.68 -51.76
CA GLN F 155 -57.29 -31.40 -50.71
C GLN F 155 -57.09 -30.51 -49.49
N SER F 156 -57.32 -31.09 -48.31
CA SER F 156 -57.16 -30.36 -47.07
C SER F 156 -56.42 -31.23 -46.08
N GLY F 157 -55.45 -30.64 -45.37
CA GLY F 157 -54.74 -31.35 -44.34
C GLY F 157 -53.75 -32.39 -44.81
N ASN F 158 -53.29 -32.30 -46.07
CA ASN F 158 -52.27 -33.23 -46.53
C ASN F 158 -51.22 -32.56 -47.43
N SER F 159 -51.08 -31.24 -47.36
CA SER F 159 -50.09 -30.54 -48.15
C SER F 159 -49.28 -29.61 -47.26
N GLN F 160 -48.11 -29.21 -47.76
CA GLN F 160 -47.17 -28.40 -47.01
C GLN F 160 -46.45 -27.44 -47.95
N GLU F 161 -46.36 -26.17 -47.56
CA GLU F 161 -45.72 -25.14 -48.35
C GLU F 161 -44.39 -24.72 -47.72
N SER F 162 -43.48 -24.28 -48.57
CA SER F 162 -42.23 -23.70 -48.11
C SER F 162 -41.84 -22.60 -49.09
N VAL F 163 -41.45 -21.44 -48.55
CA VAL F 163 -41.05 -20.30 -49.36
C VAL F 163 -39.59 -20.01 -49.10
N THR F 164 -38.84 -19.74 -50.16
CA THR F 164 -37.47 -19.32 -49.96
C THR F 164 -37.43 -17.90 -49.43
N GLU F 165 -36.25 -17.48 -49.02
CA GLU F 165 -36.10 -16.09 -48.65
C GLU F 165 -35.82 -15.26 -49.89
N GLN F 166 -36.08 -13.96 -49.79
CA GLN F 166 -36.00 -13.09 -50.95
C GLN F 166 -34.60 -13.13 -51.54
N ASP F 167 -34.53 -13.33 -52.86
CA ASP F 167 -33.24 -13.42 -53.52
C ASP F 167 -32.50 -12.11 -53.37
N SER F 168 -31.19 -12.21 -53.08
CA SER F 168 -30.39 -11.03 -52.79
C SER F 168 -30.06 -10.20 -54.02
N LYS F 169 -30.42 -10.67 -55.21
CA LYS F 169 -30.13 -9.96 -56.46
C LYS F 169 -31.38 -9.44 -57.15
N ASP F 170 -32.38 -10.29 -57.37
CA ASP F 170 -33.61 -9.89 -58.06
C ASP F 170 -34.80 -9.75 -57.13
N SER F 171 -34.66 -10.04 -55.84
CA SER F 171 -35.67 -9.78 -54.82
C SER F 171 -36.97 -10.57 -55.07
N THR F 172 -36.88 -11.72 -55.72
CA THR F 172 -38.06 -12.55 -55.95
C THR F 172 -38.09 -13.72 -54.97
N TYR F 173 -39.26 -14.35 -54.88
CA TYR F 173 -39.47 -15.53 -54.06
C TYR F 173 -39.70 -16.75 -54.95
N SER F 174 -39.44 -17.91 -54.35
CA SER F 174 -39.85 -19.18 -54.92
C SER F 174 -40.60 -19.97 -53.86
N LEU F 175 -41.54 -20.80 -54.30
CA LEU F 175 -42.40 -21.54 -53.39
C LEU F 175 -42.57 -22.96 -53.88
N SER F 176 -42.51 -23.90 -52.96
CA SER F 176 -42.84 -25.30 -53.22
C SER F 176 -44.08 -25.68 -52.42
N SER F 177 -44.96 -26.45 -53.04
CA SER F 177 -46.09 -27.06 -52.33
C SER F 177 -46.07 -28.55 -52.59
N THR F 178 -46.12 -29.34 -51.52
CA THR F 178 -45.96 -30.79 -51.59
C THR F 178 -47.22 -31.47 -51.07
N LEU F 179 -47.90 -32.20 -51.94
CA LEU F 179 -49.06 -33.01 -51.59
C LEU F 179 -48.62 -34.45 -51.35
N THR F 180 -48.93 -34.98 -50.18
CA THR F 180 -48.51 -36.32 -49.78
C THR F 180 -49.72 -37.22 -49.61
N LEU F 181 -49.76 -38.31 -50.37
CA LEU F 181 -50.83 -39.29 -50.31
C LEU F 181 -50.23 -40.68 -50.14
N SER F 182 -51.04 -41.59 -49.59
CA SER F 182 -50.66 -42.99 -49.59
C SER F 182 -50.62 -43.51 -51.03
N LYS F 183 -49.86 -44.59 -51.23
CA LYS F 183 -49.78 -45.19 -52.56
C LYS F 183 -51.16 -45.67 -53.01
N ALA F 184 -51.94 -46.26 -52.10
CA ALA F 184 -53.27 -46.72 -52.45
C ALA F 184 -54.15 -45.57 -52.92
N ASP F 185 -54.10 -44.44 -52.22
CA ASP F 185 -54.90 -43.29 -52.61
C ASP F 185 -54.44 -42.70 -53.94
N TYR F 186 -53.12 -42.65 -54.15
CA TYR F 186 -52.60 -42.09 -55.39
C TYR F 186 -53.05 -42.88 -56.60
N GLU F 187 -53.08 -44.21 -56.48
CA GLU F 187 -53.45 -45.05 -57.62
C GLU F 187 -54.95 -45.12 -57.84
N LYS F 188 -55.77 -44.66 -56.88
CA LYS F 188 -57.22 -44.66 -57.07
C LYS F 188 -57.66 -43.57 -58.04
N HIS F 189 -56.92 -42.47 -58.14
CA HIS F 189 -57.36 -41.28 -58.85
C HIS F 189 -56.46 -41.01 -60.05
N LYS F 190 -56.96 -40.15 -60.94
CA LYS F 190 -56.37 -39.94 -62.26
C LYS F 190 -55.73 -38.57 -62.40
N VAL F 191 -56.48 -37.50 -62.14
CA VAL F 191 -56.04 -36.14 -62.45
C VAL F 191 -55.50 -35.49 -61.19
N TYR F 192 -54.28 -34.96 -61.29
CA TYR F 192 -53.63 -34.24 -60.20
C TYR F 192 -53.28 -32.85 -60.69
N ALA F 193 -53.68 -31.83 -59.92
CA ALA F 193 -53.54 -30.46 -60.37
C ALA F 193 -53.29 -29.54 -59.18
N CYS F 194 -52.42 -28.56 -59.37
CA CYS F 194 -52.28 -27.45 -58.43
C CYS F 194 -52.76 -26.17 -59.09
N GLU F 195 -53.65 -25.46 -58.42
CA GLU F 195 -54.17 -24.18 -58.88
C GLU F 195 -53.45 -23.05 -58.14
N VAL F 196 -52.93 -22.10 -58.89
CA VAL F 196 -52.10 -21.03 -58.34
C VAL F 196 -52.80 -19.70 -58.58
N THR F 197 -53.00 -18.93 -57.52
CA THR F 197 -53.52 -17.57 -57.59
C THR F 197 -52.40 -16.61 -57.24
N HIS F 198 -52.15 -15.63 -58.11
CA HIS F 198 -51.11 -14.64 -57.85
C HIS F 198 -51.43 -13.35 -58.59
N GLN F 199 -50.96 -12.24 -58.01
CA GLN F 199 -51.28 -10.92 -58.52
C GLN F 199 -50.80 -10.74 -59.95
N GLY F 200 -49.63 -11.29 -60.29
CA GLY F 200 -49.12 -11.19 -61.63
C GLY F 200 -49.84 -12.03 -62.66
N LEU F 201 -50.84 -12.81 -62.25
CA LEU F 201 -51.61 -13.65 -63.15
C LEU F 201 -53.02 -13.09 -63.27
N SER F 202 -53.45 -12.82 -64.51
CA SER F 202 -54.79 -12.28 -64.73
C SER F 202 -55.86 -13.27 -64.26
N SER F 203 -55.65 -14.56 -64.53
CA SER F 203 -56.52 -15.61 -64.04
C SER F 203 -55.70 -16.65 -63.31
N PRO F 204 -56.31 -17.40 -62.39
CA PRO F 204 -55.60 -18.50 -61.73
C PRO F 204 -55.11 -19.50 -62.77
N VAL F 205 -53.91 -20.04 -62.53
CA VAL F 205 -53.28 -20.98 -63.44
C VAL F 205 -53.32 -22.37 -62.81
N THR F 206 -53.62 -23.37 -63.63
CA THR F 206 -53.71 -24.76 -63.20
C THR F 206 -52.70 -25.58 -63.99
N LYS F 207 -51.78 -26.23 -63.29
CA LYS F 207 -50.86 -27.18 -63.87
C LYS F 207 -51.32 -28.58 -63.46
N SER F 208 -51.50 -29.47 -64.44
CA SER F 208 -52.10 -30.77 -64.21
C SER F 208 -51.26 -31.87 -64.85
N PHE F 209 -51.49 -33.10 -64.39
CA PHE F 209 -51.01 -34.28 -65.10
C PHE F 209 -51.95 -35.44 -64.80
N ASN F 210 -51.97 -36.41 -65.71
CA ASN F 210 -52.73 -37.63 -65.55
C ASN F 210 -51.76 -38.74 -65.09
N ARG F 211 -52.15 -39.45 -64.03
CA ARG F 211 -51.29 -40.48 -63.47
C ARG F 211 -50.96 -41.54 -64.51
N GLY F 212 -49.67 -41.85 -64.63
CA GLY F 212 -49.20 -42.86 -65.56
C GLY F 212 -48.77 -42.34 -66.92
N GLU F 213 -49.20 -41.14 -67.31
CA GLU F 213 -48.84 -40.63 -68.63
C GLU F 213 -47.35 -40.32 -68.71
N CYS F 214 -46.80 -39.69 -67.68
CA CYS F 214 -45.39 -39.30 -67.69
C CYS F 214 -44.80 -39.29 -66.27
#